data_2Z0W
# 
_entry.id   2Z0W 
# 
_audit_conform.dict_name       mmcif_pdbx.dic 
_audit_conform.dict_version    5.388 
_audit_conform.dict_location   http://mmcif.pdb.org/dictionaries/ascii/mmcif_pdbx.dic 
# 
loop_
_database_2.database_id 
_database_2.database_code 
_database_2.pdbx_database_accession 
_database_2.pdbx_DOI 
PDB   2Z0W         pdb_00002z0w 10.2210/pdb2z0w/pdb 
RCSB  RCSB027380   ?            ?                   
WWPDB D_1000027380 ?            ?                   
# 
loop_
_pdbx_audit_revision_history.ordinal 
_pdbx_audit_revision_history.data_content_type 
_pdbx_audit_revision_history.major_revision 
_pdbx_audit_revision_history.minor_revision 
_pdbx_audit_revision_history.revision_date 
1 'Structure model' 1 0 2007-11-13 
2 'Structure model' 1 1 2011-07-13 
3 'Structure model' 1 2 2024-03-13 
# 
_pdbx_audit_revision_details.ordinal             1 
_pdbx_audit_revision_details.revision_ordinal    1 
_pdbx_audit_revision_details.data_content_type   'Structure model' 
_pdbx_audit_revision_details.provider            repository 
_pdbx_audit_revision_details.type                'Initial release' 
_pdbx_audit_revision_details.description         ? 
_pdbx_audit_revision_details.details             ? 
# 
loop_
_pdbx_audit_revision_group.ordinal 
_pdbx_audit_revision_group.revision_ordinal 
_pdbx_audit_revision_group.data_content_type 
_pdbx_audit_revision_group.group 
1 2 'Structure model' 'Version format compliance' 
2 3 'Structure model' 'Data collection'           
3 3 'Structure model' 'Database references'       
# 
loop_
_pdbx_audit_revision_category.ordinal 
_pdbx_audit_revision_category.revision_ordinal 
_pdbx_audit_revision_category.data_content_type 
_pdbx_audit_revision_category.category 
1 3 'Structure model' chem_comp_atom     
2 3 'Structure model' chem_comp_bond     
3 3 'Structure model' database_2         
4 3 'Structure model' struct_ref_seq_dif 
# 
loop_
_pdbx_audit_revision_item.ordinal 
_pdbx_audit_revision_item.revision_ordinal 
_pdbx_audit_revision_item.data_content_type 
_pdbx_audit_revision_item.item 
1 3 'Structure model' '_database_2.pdbx_DOI'                
2 3 'Structure model' '_database_2.pdbx_database_accession' 
3 3 'Structure model' '_struct_ref_seq_dif.details'         
# 
_pdbx_database_status.status_code                     REL 
_pdbx_database_status.entry_id                        2Z0W 
_pdbx_database_status.recvd_initial_deposition_date   2007-05-07 
_pdbx_database_status.deposit_site                    PDBJ 
_pdbx_database_status.process_site                    PDBJ 
_pdbx_database_status.status_code_sf                  REL 
_pdbx_database_status.status_code_mr                  ? 
_pdbx_database_status.SG_entry                        Y 
_pdbx_database_status.pdb_format_compatible           Y 
_pdbx_database_status.status_code_cs                  ? 
_pdbx_database_status.status_code_nmr_data            ? 
_pdbx_database_status.methods_development_category    ? 
# 
_pdbx_database_related.db_name        TargetDB 
_pdbx_database_related.db_id          hss001000330.1 
_pdbx_database_related.details        . 
_pdbx_database_related.content_type   unspecified 
# 
loop_
_audit_author.name 
_audit_author.pdbx_ordinal 
'Saito, K.'                                              1 
'Yoshikawa, S.'                                          2 
'Nishino, A.'                                            3 
'Murayama, K.'                                           4 
'Terada, T.'                                             5 
'Shirouzu, M.'                                           6 
'Kigawa, T.'                                             7 
'Yokoyama, S.'                                           8 
'RIKEN Structural Genomics/Proteomics Initiative (RSGI)' 9 
# 
_citation.id                        primary 
_citation.title                     
'Crystal structure of the 2nd CAP-Gly domain in human Restin-like protein 2 reveals a swapped-dimer' 
_citation.journal_abbrev            'To be Published' 
_citation.journal_volume            ? 
_citation.page_first                ? 
_citation.page_last                 ? 
_citation.year                      ? 
_citation.journal_id_ASTM           ? 
_citation.country                   ? 
_citation.journal_id_ISSN           ? 
_citation.journal_id_CSD            0353 
_citation.book_publisher            ? 
_citation.pdbx_database_id_PubMed   ? 
_citation.pdbx_database_id_DOI      ? 
# 
loop_
_citation_author.citation_id 
_citation_author.name 
_citation_author.ordinal 
_citation_author.identifier_ORCID 
primary 'Saito, K.'     1 ? 
primary 'Yoshikawa, S.' 2 ? 
primary 'Nishino, A.'   3 ? 
primary 'Murayama, K.'  4 ? 
primary 'Terada, T.'    5 ? 
primary 'Shirouzu, M.'  6 ? 
primary 'Kigawa, T.'    7 ? 
primary 'Yokoyama, S.'  8 ? 
# 
loop_
_entity.id 
_entity.type 
_entity.src_method 
_entity.pdbx_description 
_entity.formula_weight 
_entity.pdbx_number_of_molecules 
_entity.pdbx_ec 
_entity.pdbx_mutation 
_entity.pdbx_fragment 
_entity.details 
1 polymer man 'CAP-Gly domain-containing linker protein 4' 10196.236 1  ? ? 'CAP-Gly domain' ? 
2 water   nat water                                        18.015    15 ? ? ?                ? 
# 
_entity_name_com.entity_id   1 
_entity_name_com.name        'Restin-like protein 2' 
# 
_entity_poly.entity_id                      1 
_entity_poly.type                           'polypeptide(L)' 
_entity_poly.nstd_linkage                   no 
_entity_poly.nstd_monomer                   no 
_entity_poly.pdbx_seq_one_letter_code       
;GSSGSSGEGELRLGERVLVVGQRLGTIRFFGTTNFAPGYWYGIELEKPHGKNDGSVGGVQYFSCSPRYGIFAPPSRVQRV
TDSLDTLSEISGPSSG
;
_entity_poly.pdbx_seq_one_letter_code_can   
;GSSGSSGEGELRLGERVLVVGQRLGTIRFFGTTNFAPGYWYGIELEKPHGKNDGSVGGVQYFSCSPRYGIFAPPSRVQRV
TDSLDTLSEISGPSSG
;
_entity_poly.pdbx_strand_id                 A 
_entity_poly.pdbx_target_identifier         hss001000330.1 
# 
_pdbx_entity_nonpoly.entity_id   2 
_pdbx_entity_nonpoly.name        water 
_pdbx_entity_nonpoly.comp_id     HOH 
# 
loop_
_entity_poly_seq.entity_id 
_entity_poly_seq.num 
_entity_poly_seq.mon_id 
_entity_poly_seq.hetero 
1 1  GLY n 
1 2  SER n 
1 3  SER n 
1 4  GLY n 
1 5  SER n 
1 6  SER n 
1 7  GLY n 
1 8  GLU n 
1 9  GLY n 
1 10 GLU n 
1 11 LEU n 
1 12 ARG n 
1 13 LEU n 
1 14 GLY n 
1 15 GLU n 
1 16 ARG n 
1 17 VAL n 
1 18 LEU n 
1 19 VAL n 
1 20 VAL n 
1 21 GLY n 
1 22 GLN n 
1 23 ARG n 
1 24 LEU n 
1 25 GLY n 
1 26 THR n 
1 27 ILE n 
1 28 ARG n 
1 29 PHE n 
1 30 PHE n 
1 31 GLY n 
1 32 THR n 
1 33 THR n 
1 34 ASN n 
1 35 PHE n 
1 36 ALA n 
1 37 PRO n 
1 38 GLY n 
1 39 TYR n 
1 40 TRP n 
1 41 TYR n 
1 42 GLY n 
1 43 ILE n 
1 44 GLU n 
1 45 LEU n 
1 46 GLU n 
1 47 LYS n 
1 48 PRO n 
1 49 HIS n 
1 50 GLY n 
1 51 LYS n 
1 52 ASN n 
1 53 ASP n 
1 54 GLY n 
1 55 SER n 
1 56 VAL n 
1 57 GLY n 
1 58 GLY n 
1 59 VAL n 
1 60 GLN n 
1 61 TYR n 
1 62 PHE n 
1 63 SER n 
1 64 CYS n 
1 65 SER n 
1 66 PRO n 
1 67 ARG n 
1 68 TYR n 
1 69 GLY n 
1 70 ILE n 
1 71 PHE n 
1 72 ALA n 
1 73 PRO n 
1 74 PRO n 
1 75 SER n 
1 76 ARG n 
1 77 VAL n 
1 78 GLN n 
1 79 ARG n 
1 80 VAL n 
1 81 THR n 
1 82 ASP n 
1 83 SER n 
1 84 LEU n 
1 85 ASP n 
1 86 THR n 
1 87 LEU n 
1 88 SER n 
1 89 GLU n 
1 90 ILE n 
1 91 SER n 
1 92 GLY n 
1 93 PRO n 
1 94 SER n 
1 95 SER n 
1 96 GLY n 
# 
_entity_src_gen.entity_id                          1 
_entity_src_gen.pdbx_src_id                        1 
_entity_src_gen.pdbx_alt_source_flag               sample 
_entity_src_gen.pdbx_seq_type                      ? 
_entity_src_gen.pdbx_beg_seq_num                   ? 
_entity_src_gen.pdbx_end_seq_num                   ? 
_entity_src_gen.gene_src_common_name               human 
_entity_src_gen.gene_src_genus                     Homo 
_entity_src_gen.pdbx_gene_src_gene                 ? 
_entity_src_gen.gene_src_species                   ? 
_entity_src_gen.gene_src_strain                    ? 
_entity_src_gen.gene_src_tissue                    ? 
_entity_src_gen.gene_src_tissue_fraction           ? 
_entity_src_gen.gene_src_details                   ? 
_entity_src_gen.pdbx_gene_src_fragment             ? 
_entity_src_gen.pdbx_gene_src_scientific_name      'Homo sapiens' 
_entity_src_gen.pdbx_gene_src_ncbi_taxonomy_id     9606 
_entity_src_gen.pdbx_gene_src_variant              ? 
_entity_src_gen.pdbx_gene_src_cell_line            ? 
_entity_src_gen.pdbx_gene_src_atcc                 ? 
_entity_src_gen.pdbx_gene_src_organ                ? 
_entity_src_gen.pdbx_gene_src_organelle            ? 
_entity_src_gen.pdbx_gene_src_cell                 ? 
_entity_src_gen.pdbx_gene_src_cellular_location    ? 
_entity_src_gen.host_org_common_name               ? 
_entity_src_gen.pdbx_host_org_scientific_name      ? 
_entity_src_gen.pdbx_host_org_ncbi_taxonomy_id     ? 
_entity_src_gen.host_org_genus                     ? 
_entity_src_gen.pdbx_host_org_gene                 ? 
_entity_src_gen.pdbx_host_org_organ                ? 
_entity_src_gen.host_org_species                   ? 
_entity_src_gen.pdbx_host_org_tissue               ? 
_entity_src_gen.pdbx_host_org_tissue_fraction      ? 
_entity_src_gen.pdbx_host_org_strain               ? 
_entity_src_gen.pdbx_host_org_variant              ? 
_entity_src_gen.pdbx_host_org_cell_line            ? 
_entity_src_gen.pdbx_host_org_atcc                 ? 
_entity_src_gen.pdbx_host_org_culture_collection   ? 
_entity_src_gen.pdbx_host_org_cell                 ? 
_entity_src_gen.pdbx_host_org_organelle            ? 
_entity_src_gen.pdbx_host_org_cellular_location    ? 
_entity_src_gen.pdbx_host_org_vector_type          Plasmid 
_entity_src_gen.pdbx_host_org_vector               ? 
_entity_src_gen.host_org_details                   ? 
_entity_src_gen.expression_system_id               ? 
_entity_src_gen.plasmid_name                       PK040816-21 
_entity_src_gen.plasmid_details                    ? 
_entity_src_gen.pdbx_description                   'Cell Free Protein Synthesis' 
# 
loop_
_chem_comp.id 
_chem_comp.type 
_chem_comp.mon_nstd_flag 
_chem_comp.name 
_chem_comp.pdbx_synonyms 
_chem_comp.formula 
_chem_comp.formula_weight 
ALA 'L-peptide linking' y ALANINE         ? 'C3 H7 N O2'     89.093  
ARG 'L-peptide linking' y ARGININE        ? 'C6 H15 N4 O2 1' 175.209 
ASN 'L-peptide linking' y ASPARAGINE      ? 'C4 H8 N2 O3'    132.118 
ASP 'L-peptide linking' y 'ASPARTIC ACID' ? 'C4 H7 N O4'     133.103 
CYS 'L-peptide linking' y CYSTEINE        ? 'C3 H7 N O2 S'   121.158 
GLN 'L-peptide linking' y GLUTAMINE       ? 'C5 H10 N2 O3'   146.144 
GLU 'L-peptide linking' y 'GLUTAMIC ACID' ? 'C5 H9 N O4'     147.129 
GLY 'peptide linking'   y GLYCINE         ? 'C2 H5 N O2'     75.067  
HIS 'L-peptide linking' y HISTIDINE       ? 'C6 H10 N3 O2 1' 156.162 
HOH non-polymer         . WATER           ? 'H2 O'           18.015  
ILE 'L-peptide linking' y ISOLEUCINE      ? 'C6 H13 N O2'    131.173 
LEU 'L-peptide linking' y LEUCINE         ? 'C6 H13 N O2'    131.173 
LYS 'L-peptide linking' y LYSINE          ? 'C6 H15 N2 O2 1' 147.195 
PHE 'L-peptide linking' y PHENYLALANINE   ? 'C9 H11 N O2'    165.189 
PRO 'L-peptide linking' y PROLINE         ? 'C5 H9 N O2'     115.130 
SER 'L-peptide linking' y SERINE          ? 'C3 H7 N O3'     105.093 
THR 'L-peptide linking' y THREONINE       ? 'C4 H9 N O3'     119.119 
TRP 'L-peptide linking' y TRYPTOPHAN      ? 'C11 H12 N2 O2'  204.225 
TYR 'L-peptide linking' y TYROSINE        ? 'C9 H11 N O3'    181.189 
VAL 'L-peptide linking' y VALINE          ? 'C5 H11 N O2'    117.146 
# 
loop_
_pdbx_poly_seq_scheme.asym_id 
_pdbx_poly_seq_scheme.entity_id 
_pdbx_poly_seq_scheme.seq_id 
_pdbx_poly_seq_scheme.mon_id 
_pdbx_poly_seq_scheme.ndb_seq_num 
_pdbx_poly_seq_scheme.pdb_seq_num 
_pdbx_poly_seq_scheme.auth_seq_num 
_pdbx_poly_seq_scheme.pdb_mon_id 
_pdbx_poly_seq_scheme.auth_mon_id 
_pdbx_poly_seq_scheme.pdb_strand_id 
_pdbx_poly_seq_scheme.pdb_ins_code 
_pdbx_poly_seq_scheme.hetero 
A 1 1  GLY 1  1  ?  ?   ?   A . n 
A 1 2  SER 2  2  ?  ?   ?   A . n 
A 1 3  SER 3  3  ?  ?   ?   A . n 
A 1 4  GLY 4  4  ?  ?   ?   A . n 
A 1 5  SER 5  5  ?  ?   ?   A . n 
A 1 6  SER 6  6  ?  ?   ?   A . n 
A 1 7  GLY 7  7  ?  ?   ?   A . n 
A 1 8  GLU 8  8  ?  ?   ?   A . n 
A 1 9  GLY 9  9  ?  ?   ?   A . n 
A 1 10 GLU 10 10 ?  ?   ?   A . n 
A 1 11 LEU 11 11 11 LEU LEU A . n 
A 1 12 ARG 12 12 12 ARG ARG A . n 
A 1 13 LEU 13 13 13 LEU LEU A . n 
A 1 14 GLY 14 14 14 GLY GLY A . n 
A 1 15 GLU 15 15 15 GLU GLU A . n 
A 1 16 ARG 16 16 16 ARG ARG A . n 
A 1 17 VAL 17 17 17 VAL VAL A . n 
A 1 18 LEU 18 18 18 LEU LEU A . n 
A 1 19 VAL 19 19 19 VAL VAL A . n 
A 1 20 VAL 20 20 20 VAL VAL A . n 
A 1 21 GLY 21 21 21 GLY GLY A . n 
A 1 22 GLN 22 22 22 GLN GLN A . n 
A 1 23 ARG 23 23 23 ARG ARG A . n 
A 1 24 LEU 24 24 24 LEU LEU A . n 
A 1 25 GLY 25 25 25 GLY GLY A . n 
A 1 26 THR 26 26 26 THR THR A . n 
A 1 27 ILE 27 27 27 ILE ILE A . n 
A 1 28 ARG 28 28 28 ARG ARG A . n 
A 1 29 PHE 29 29 29 PHE PHE A . n 
A 1 30 PHE 30 30 30 PHE PHE A . n 
A 1 31 GLY 31 31 31 GLY GLY A . n 
A 1 32 THR 32 32 32 THR THR A . n 
A 1 33 THR 33 33 33 THR THR A . n 
A 1 34 ASN 34 34 34 ASN ASN A . n 
A 1 35 PHE 35 35 35 PHE PHE A . n 
A 1 36 ALA 36 36 36 ALA ALA A . n 
A 1 37 PRO 37 37 37 PRO PRO A . n 
A 1 38 GLY 38 38 38 GLY GLY A . n 
A 1 39 TYR 39 39 39 TYR TYR A . n 
A 1 40 TRP 40 40 40 TRP TRP A . n 
A 1 41 TYR 41 41 41 TYR TYR A . n 
A 1 42 GLY 42 42 42 GLY GLY A . n 
A 1 43 ILE 43 43 43 ILE ILE A . n 
A 1 44 GLU 44 44 44 GLU GLU A . n 
A 1 45 LEU 45 45 45 LEU LEU A . n 
A 1 46 GLU 46 46 46 GLU GLU A . n 
A 1 47 LYS 47 47 47 LYS LYS A . n 
A 1 48 PRO 48 48 48 PRO PRO A . n 
A 1 49 HIS 49 49 49 HIS HIS A . n 
A 1 50 GLY 50 50 50 GLY GLY A . n 
A 1 51 LYS 51 51 51 LYS LYS A . n 
A 1 52 ASN 52 52 52 ASN ASN A . n 
A 1 53 ASP 53 53 53 ASP ASP A . n 
A 1 54 GLY 54 54 54 GLY GLY A . n 
A 1 55 SER 55 55 55 SER SER A . n 
A 1 56 VAL 56 56 56 VAL VAL A . n 
A 1 57 GLY 57 57 57 GLY GLY A . n 
A 1 58 GLY 58 58 58 GLY GLY A . n 
A 1 59 VAL 59 59 59 VAL VAL A . n 
A 1 60 GLN 60 60 60 GLN GLN A . n 
A 1 61 TYR 61 61 61 TYR TYR A . n 
A 1 62 PHE 62 62 62 PHE PHE A . n 
A 1 63 SER 63 63 63 SER SER A . n 
A 1 64 CYS 64 64 64 CYS CYS A . n 
A 1 65 SER 65 65 65 SER SER A . n 
A 1 66 PRO 66 66 66 PRO PRO A . n 
A 1 67 ARG 67 67 67 ARG ARG A . n 
A 1 68 TYR 68 68 68 TYR TYR A . n 
A 1 69 GLY 69 69 69 GLY GLY A . n 
A 1 70 ILE 70 70 70 ILE ILE A . n 
A 1 71 PHE 71 71 71 PHE PHE A . n 
A 1 72 ALA 72 72 72 ALA ALA A . n 
A 1 73 PRO 73 73 73 PRO PRO A . n 
A 1 74 PRO 74 74 74 PRO PRO A . n 
A 1 75 SER 75 75 75 SER SER A . n 
A 1 76 ARG 76 76 76 ARG ARG A . n 
A 1 77 VAL 77 77 77 VAL VAL A . n 
A 1 78 GLN 78 78 78 GLN GLN A . n 
A 1 79 ARG 79 79 79 ARG ARG A . n 
A 1 80 VAL 80 80 80 VAL VAL A . n 
A 1 81 THR 81 81 81 THR THR A . n 
A 1 82 ASP 82 82 82 ASP ASP A . n 
A 1 83 SER 83 83 ?  ?   ?   A . n 
A 1 84 LEU 84 84 ?  ?   ?   A . n 
A 1 85 ASP 85 85 ?  ?   ?   A . n 
A 1 86 THR 86 86 ?  ?   ?   A . n 
A 1 87 LEU 87 87 ?  ?   ?   A . n 
A 1 88 SER 88 88 ?  ?   ?   A . n 
A 1 89 GLU 89 89 ?  ?   ?   A . n 
A 1 90 ILE 90 90 ?  ?   ?   A . n 
A 1 91 SER 91 91 ?  ?   ?   A . n 
A 1 92 GLY 92 92 ?  ?   ?   A . n 
A 1 93 PRO 93 93 ?  ?   ?   A . n 
A 1 94 SER 94 94 ?  ?   ?   A . n 
A 1 95 SER 95 95 ?  ?   ?   A . n 
A 1 96 GLY 96 96 ?  ?   ?   A . n 
# 
loop_
_pdbx_nonpoly_scheme.asym_id 
_pdbx_nonpoly_scheme.entity_id 
_pdbx_nonpoly_scheme.mon_id 
_pdbx_nonpoly_scheme.ndb_seq_num 
_pdbx_nonpoly_scheme.pdb_seq_num 
_pdbx_nonpoly_scheme.auth_seq_num 
_pdbx_nonpoly_scheme.pdb_mon_id 
_pdbx_nonpoly_scheme.auth_mon_id 
_pdbx_nonpoly_scheme.pdb_strand_id 
_pdbx_nonpoly_scheme.pdb_ins_code 
B 2 HOH 1  97  1  HOH HOH A . 
B 2 HOH 2  98  2  HOH HOH A . 
B 2 HOH 3  99  3  HOH HOH A . 
B 2 HOH 4  100 4  HOH HOH A . 
B 2 HOH 5  101 5  HOH HOH A . 
B 2 HOH 6  102 6  HOH HOH A . 
B 2 HOH 7  103 7  HOH HOH A . 
B 2 HOH 8  104 8  HOH HOH A . 
B 2 HOH 9  105 9  HOH HOH A . 
B 2 HOH 10 106 10 HOH HOH A . 
B 2 HOH 11 107 11 HOH HOH A . 
B 2 HOH 12 108 12 HOH HOH A . 
B 2 HOH 13 109 13 HOH HOH A . 
B 2 HOH 14 110 14 HOH HOH A . 
B 2 HOH 15 111 15 HOH HOH A . 
# 
loop_
_software.name 
_software.classification 
_software.version 
_software.citation_id 
_software.pdbx_ordinal 
CNS       refinement        1.1 ? 1 
HKL-2000  'data collection' .   ? 2 
DENZO     'data reduction'  .   ? 3 
SCALEPACK 'data scaling'    .   ? 4 
SOLVE     phasing           .   ? 5 
# 
_cell.entry_id           2Z0W 
_cell.length_a           79.173 
_cell.length_b           79.173 
_cell.length_c           62.012 
_cell.angle_alpha        90.00 
_cell.angle_beta         90.00 
_cell.angle_gamma        90.00 
_cell.Z_PDB              16 
_cell.pdbx_unique_axis   ? 
_cell.length_a_esd       ? 
_cell.length_b_esd       ? 
_cell.length_c_esd       ? 
_cell.angle_alpha_esd    ? 
_cell.angle_beta_esd     ? 
_cell.angle_gamma_esd    ? 
# 
_symmetry.entry_id                         2Z0W 
_symmetry.space_group_name_H-M             'I 4 2 2' 
_symmetry.pdbx_full_space_group_name_H-M   ? 
_symmetry.cell_setting                     ? 
_symmetry.Int_Tables_number                97 
_symmetry.space_group_name_Hall            ? 
# 
_exptl.entry_id          2Z0W 
_exptl.method            'X-RAY DIFFRACTION' 
_exptl.crystals_number   1 
# 
_exptl_crystal.id                    1 
_exptl_crystal.density_meas          ? 
_exptl_crystal.density_Matthews      2.38 
_exptl_crystal.density_percent_sol   48.38 
_exptl_crystal.description           ? 
_exptl_crystal.F_000                 ? 
_exptl_crystal.preparation           ? 
# 
_exptl_crystal_grow.crystal_id      1 
_exptl_crystal_grow.method          'VAPOR DIFFUSION, HANGING DROP' 
_exptl_crystal_grow.temp            293 
_exptl_crystal_grow.temp_details    ? 
_exptl_crystal_grow.pH              5.6 
_exptl_crystal_grow.pdbx_details    
'0.6M Li sulfate, 0.5M Ammonium Sulfate, 0.1M Na-citrate, 40% acetonitrile, pH 5.6, VAPOR DIFFUSION, HANGING DROP, temperature 293K' 
_exptl_crystal_grow.pdbx_pH_range   . 
# 
_diffrn.id                     1 
_diffrn.ambient_temp           100 
_diffrn.ambient_temp_details   ? 
_diffrn.crystal_id             1 
# 
_diffrn_detector.diffrn_id              1 
_diffrn_detector.detector               CCD 
_diffrn_detector.type                   'RIGAKU JUPITER 210' 
_diffrn_detector.pdbx_collection_date   2006-10-17 
_diffrn_detector.details                ? 
# 
_diffrn_radiation.diffrn_id                        1 
_diffrn_radiation.wavelength_id                    1 
_diffrn_radiation.pdbx_monochromatic_or_laue_m_l   M 
_diffrn_radiation.monochromator                    ? 
_diffrn_radiation.pdbx_diffrn_protocol             'SINGLE WAVELENGTH' 
_diffrn_radiation.pdbx_scattering_type             x-ray 
# 
_diffrn_radiation_wavelength.id           1 
_diffrn_radiation_wavelength.wavelength   1.0000 
_diffrn_radiation_wavelength.wt           1.0 
# 
_diffrn_source.diffrn_id                   1 
_diffrn_source.source                      SYNCHROTRON 
_diffrn_source.type                        'SPRING-8 BEAMLINE BL26B2' 
_diffrn_source.pdbx_synchrotron_site       SPring-8 
_diffrn_source.pdbx_synchrotron_beamline   BL26B2 
_diffrn_source.pdbx_wavelength             ? 
_diffrn_source.pdbx_wavelength_list        1.0000 
# 
_reflns.entry_id                     2Z0W 
_reflns.observed_criterion_sigma_I   -3 
_reflns.observed_criterion_sigma_F   ? 
_reflns.d_resolution_low             50.0 
_reflns.d_resolution_high            2.50 
_reflns.number_obs                   3646 
_reflns.number_all                   ? 
_reflns.percent_possible_obs         100.0 
_reflns.pdbx_Rmerge_I_obs            ? 
_reflns.pdbx_Rsym_value              0.070 
_reflns.pdbx_netI_over_sigmaI        52.847 
_reflns.B_iso_Wilson_estimate        42.7 
_reflns.pdbx_redundancy              22.309 
_reflns.R_free_details               ? 
_reflns.limit_h_max                  ? 
_reflns.limit_h_min                  ? 
_reflns.limit_k_max                  ? 
_reflns.limit_k_min                  ? 
_reflns.limit_l_max                  ? 
_reflns.limit_l_min                  ? 
_reflns.observed_criterion_F_max     ? 
_reflns.observed_criterion_F_min     ? 
_reflns.pdbx_chi_squared             ? 
_reflns.pdbx_scaling_rejects         ? 
_reflns.pdbx_diffrn_id               1 
_reflns.pdbx_ordinal                 1 
# 
_reflns_shell.d_res_high             2.50 
_reflns_shell.d_res_low              2.59 
_reflns_shell.percent_possible_all   100.0 
_reflns_shell.Rmerge_I_obs           ? 
_reflns_shell.pdbx_Rsym_value        0.342 
_reflns_shell.meanI_over_sigI_obs    9.668 
_reflns_shell.pdbx_redundancy        23.4 
_reflns_shell.percent_possible_obs   ? 
_reflns_shell.number_unique_all      362 
_reflns_shell.number_measured_all    ? 
_reflns_shell.number_measured_obs    ? 
_reflns_shell.number_unique_obs      ? 
_reflns_shell.pdbx_chi_squared       ? 
_reflns_shell.pdbx_diffrn_id         ? 
_reflns_shell.pdbx_ordinal           1 
# 
_refine.entry_id                                 2Z0W 
_refine.ls_number_reflns_obs                     3574 
_refine.ls_number_reflns_all                     ? 
_refine.pdbx_ls_sigma_I                          ? 
_refine.pdbx_ls_sigma_F                          0.0 
_refine.pdbx_data_cutoff_high_absF               346327.22 
_refine.pdbx_data_cutoff_low_absF                0.000000 
_refine.pdbx_data_cutoff_high_rms_absF           ? 
_refine.ls_d_res_low                             31.01 
_refine.ls_d_res_high                            2.50 
_refine.ls_percent_reflns_obs                    98.4 
_refine.ls_R_factor_obs                          ? 
_refine.ls_R_factor_all                          ? 
_refine.ls_R_factor_R_work                       0.225 
_refine.ls_R_factor_R_free                       0.246 
_refine.ls_R_factor_R_free_error                 0.013 
_refine.ls_R_factor_R_free_error_details         ? 
_refine.ls_percent_reflns_R_free                 10.0 
_refine.ls_number_reflns_R_free                  357 
_refine.ls_number_parameters                     ? 
_refine.ls_number_restraints                     ? 
_refine.occupancy_min                            ? 
_refine.occupancy_max                            ? 
_refine.correlation_coeff_Fo_to_Fc               ? 
_refine.correlation_coeff_Fo_to_Fc_free          ? 
_refine.B_iso_mean                               38.2 
_refine.aniso_B[1][1]                            -1.21 
_refine.aniso_B[2][2]                            -1.21 
_refine.aniso_B[3][3]                            2.42 
_refine.aniso_B[1][2]                            0.00 
_refine.aniso_B[1][3]                            0.00 
_refine.aniso_B[2][3]                            0.00 
_refine.solvent_model_details                    'FLAT MODEL' 
_refine.solvent_model_param_ksol                 0.388256 
_refine.solvent_model_param_bsol                 34.2363 
_refine.pdbx_solvent_vdw_probe_radii             ? 
_refine.pdbx_solvent_ion_probe_radii             ? 
_refine.pdbx_solvent_shrinkage_radii             ? 
_refine.pdbx_ls_cross_valid_method               THROUGHOUT 
_refine.details                                  ? 
_refine.pdbx_starting_model                      ? 
_refine.pdbx_method_to_determine_struct          SAD 
_refine.pdbx_isotropic_thermal_model             RESTRAINED 
_refine.pdbx_stereochemistry_target_values       'Engh & Huber' 
_refine.pdbx_stereochem_target_val_spec_case     ? 
_refine.pdbx_R_Free_selection_details            RANDOM 
_refine.pdbx_overall_ESU_R                       ? 
_refine.pdbx_overall_ESU_R_Free                  ? 
_refine.overall_SU_ML                            ? 
_refine.overall_SU_B                             ? 
_refine.ls_redundancy_reflns_obs                 ? 
_refine.B_iso_min                                ? 
_refine.B_iso_max                                ? 
_refine.overall_SU_R_Cruickshank_DPI             ? 
_refine.overall_SU_R_free                        ? 
_refine.ls_wR_factor_R_free                      ? 
_refine.ls_wR_factor_R_work                      ? 
_refine.overall_FOM_free_R_set                   ? 
_refine.overall_FOM_work_R_set                   ? 
_refine.pdbx_refine_id                           'X-RAY DIFFRACTION' 
_refine.pdbx_diffrn_id                           1 
_refine.pdbx_TLS_residual_ADP_flag               ? 
_refine.pdbx_overall_phase_error                 ? 
_refine.pdbx_overall_SU_R_free_Cruickshank_DPI   ? 
_refine.pdbx_overall_SU_R_Blow_DPI               ? 
_refine.pdbx_overall_SU_R_free_Blow_DPI          ? 
# 
_refine_analyze.entry_id                        2Z0W 
_refine_analyze.Luzzati_coordinate_error_obs    0.27 
_refine_analyze.Luzzati_sigma_a_obs             0.12 
_refine_analyze.Luzzati_d_res_low_obs           5.00 
_refine_analyze.Luzzati_coordinate_error_free   0.34 
_refine_analyze.Luzzati_sigma_a_free            0.24 
_refine_analyze.Luzzati_d_res_low_free          ? 
_refine_analyze.number_disordered_residues      ? 
_refine_analyze.occupancy_sum_hydrogen          ? 
_refine_analyze.occupancy_sum_non_hydrogen      ? 
_refine_analyze.pdbx_Luzzati_d_res_high_obs     ? 
_refine_analyze.pdbx_refine_id                  'X-RAY DIFFRACTION' 
# 
_refine_hist.pdbx_refine_id                   'X-RAY DIFFRACTION' 
_refine_hist.cycle_id                         LAST 
_refine_hist.pdbx_number_atoms_protein        568 
_refine_hist.pdbx_number_atoms_nucleic_acid   0 
_refine_hist.pdbx_number_atoms_ligand         0 
_refine_hist.number_atoms_solvent             15 
_refine_hist.number_atoms_total               583 
_refine_hist.d_res_high                       2.50 
_refine_hist.d_res_low                        31.01 
# 
loop_
_refine_ls_restr.type 
_refine_ls_restr.dev_ideal 
_refine_ls_restr.dev_ideal_target 
_refine_ls_restr.weight 
_refine_ls_restr.number 
_refine_ls_restr.pdbx_refine_id 
_refine_ls_restr.pdbx_restraint_function 
c_bond_d                0.009 ?    ? ? 'X-RAY DIFFRACTION' ? 
c_bond_d_na             ?     ?    ? ? 'X-RAY DIFFRACTION' ? 
c_bond_d_prot           ?     ?    ? ? 'X-RAY DIFFRACTION' ? 
c_angle_d               ?     ?    ? ? 'X-RAY DIFFRACTION' ? 
c_angle_d_na            ?     ?    ? ? 'X-RAY DIFFRACTION' ? 
c_angle_d_prot          ?     ?    ? ? 'X-RAY DIFFRACTION' ? 
c_angle_deg             1.3   ?    ? ? 'X-RAY DIFFRACTION' ? 
c_angle_deg_na          ?     ?    ? ? 'X-RAY DIFFRACTION' ? 
c_angle_deg_prot        ?     ?    ? ? 'X-RAY DIFFRACTION' ? 
c_dihedral_angle_d      27.0  ?    ? ? 'X-RAY DIFFRACTION' ? 
c_dihedral_angle_d_na   ?     ?    ? ? 'X-RAY DIFFRACTION' ? 
c_dihedral_angle_d_prot ?     ?    ? ? 'X-RAY DIFFRACTION' ? 
c_improper_angle_d      0.96  ?    ? ? 'X-RAY DIFFRACTION' ? 
c_improper_angle_d_na   ?     ?    ? ? 'X-RAY DIFFRACTION' ? 
c_improper_angle_d_prot ?     ?    ? ? 'X-RAY DIFFRACTION' ? 
c_mcbond_it             4.00  1.50 ? ? 'X-RAY DIFFRACTION' ? 
c_mcangle_it            4.93  2.00 ? ? 'X-RAY DIFFRACTION' ? 
c_scbond_it             7.15  2.00 ? ? 'X-RAY DIFFRACTION' ? 
c_scangle_it            9.07  2.50 ? ? 'X-RAY DIFFRACTION' ? 
# 
_refine_ls_shell.pdbx_total_number_of_bins_used   6 
_refine_ls_shell.d_res_high                       2.50 
_refine_ls_shell.d_res_low                        2.66 
_refine_ls_shell.number_reflns_R_work             508 
_refine_ls_shell.R_factor_R_work                  0.216 
_refine_ls_shell.percent_reflns_obs               95.8 
_refine_ls_shell.R_factor_R_free                  0.259 
_refine_ls_shell.R_factor_R_free_error            0.034 
_refine_ls_shell.percent_reflns_R_free            10.2 
_refine_ls_shell.number_reflns_R_free             58 
_refine_ls_shell.number_reflns_all                ? 
_refine_ls_shell.R_factor_all                     ? 
_refine_ls_shell.number_reflns_obs                566 
_refine_ls_shell.redundancy_reflns_obs            ? 
_refine_ls_shell.pdbx_refine_id                   'X-RAY DIFFRACTION' 
# 
loop_
_pdbx_xplor_file.serial_no 
_pdbx_xplor_file.param_file 
_pdbx_xplor_file.topol_file 
_pdbx_xplor_file.pdbx_refine_id 
1 protein_rep.param protein.top 'X-RAY DIFFRACTION' 
2 water_rep.param   water.top   'X-RAY DIFFRACTION' 
# 
_struct.entry_id                  2Z0W 
_struct.title                     
'Crystal structure of the 2nd CAP-Gly domain in human Restin-like protein 2 reveals a swapped-dimer' 
_struct.pdbx_model_details        ? 
_struct.pdbx_CASP_flag            ? 
_struct.pdbx_model_type_details   ? 
# 
_struct_keywords.entry_id        2Z0W 
_struct_keywords.pdbx_keywords   'PROTEIN BINDING' 
_struct_keywords.text            
;CAP-Gly domain-containing linker protein 4, Alternative splicing, ANK repeat, PROTEIN BINDING, Structural Genomics, NPPSFA, National Project on Protein Structural and Functional Analyses, RIKEN Structural Genomics/Proteomics Initiative, RSGI
;
# 
loop_
_struct_asym.id 
_struct_asym.pdbx_blank_PDB_chainid_flag 
_struct_asym.pdbx_modified 
_struct_asym.entity_id 
_struct_asym.details 
A N N 1 ? 
B N N 2 ? 
# 
_struct_ref.id                         1 
_struct_ref.db_name                    UNP 
_struct_ref.db_code                    CLIP4_HUMAN 
_struct_ref.pdbx_db_accession          Q8N3C7 
_struct_ref.entity_id                  1 
_struct_ref.pdbx_seq_one_letter_code   
;EGELRLGERVLVVGQRLGTIRFFGTTNFAPGYWYGIELEKPHGKNDGSVGGVQYFSCSPRYGIFAPPSRVQRVTDSLDTL
SEI
;
_struct_ref.pdbx_align_begin           482 
_struct_ref.pdbx_db_isoform            ? 
# 
_struct_ref_seq.align_id                      1 
_struct_ref_seq.ref_id                        1 
_struct_ref_seq.pdbx_PDB_id_code              2Z0W 
_struct_ref_seq.pdbx_strand_id                A 
_struct_ref_seq.seq_align_beg                 8 
_struct_ref_seq.pdbx_seq_align_beg_ins_code   ? 
_struct_ref_seq.seq_align_end                 90 
_struct_ref_seq.pdbx_seq_align_end_ins_code   ? 
_struct_ref_seq.pdbx_db_accession             Q8N3C7 
_struct_ref_seq.db_align_beg                  482 
_struct_ref_seq.pdbx_db_align_beg_ins_code    ? 
_struct_ref_seq.db_align_end                  564 
_struct_ref_seq.pdbx_db_align_end_ins_code    ? 
_struct_ref_seq.pdbx_auth_seq_align_beg       8 
_struct_ref_seq.pdbx_auth_seq_align_end       90 
# 
loop_
_struct_ref_seq_dif.align_id 
_struct_ref_seq_dif.pdbx_pdb_id_code 
_struct_ref_seq_dif.mon_id 
_struct_ref_seq_dif.pdbx_pdb_strand_id 
_struct_ref_seq_dif.seq_num 
_struct_ref_seq_dif.pdbx_pdb_ins_code 
_struct_ref_seq_dif.pdbx_seq_db_name 
_struct_ref_seq_dif.pdbx_seq_db_accession_code 
_struct_ref_seq_dif.db_mon_id 
_struct_ref_seq_dif.pdbx_seq_db_seq_num 
_struct_ref_seq_dif.details 
_struct_ref_seq_dif.pdbx_auth_seq_num 
_struct_ref_seq_dif.pdbx_ordinal 
1 2Z0W GLY A 1  ? UNP Q8N3C7 ? ? 'expression tag' 1  1  
1 2Z0W SER A 2  ? UNP Q8N3C7 ? ? 'expression tag' 2  2  
1 2Z0W SER A 3  ? UNP Q8N3C7 ? ? 'expression tag' 3  3  
1 2Z0W GLY A 4  ? UNP Q8N3C7 ? ? 'expression tag' 4  4  
1 2Z0W SER A 5  ? UNP Q8N3C7 ? ? 'expression tag' 5  5  
1 2Z0W SER A 6  ? UNP Q8N3C7 ? ? 'expression tag' 6  6  
1 2Z0W GLY A 7  ? UNP Q8N3C7 ? ? 'expression tag' 7  7  
1 2Z0W SER A 91 ? UNP Q8N3C7 ? ? 'expression tag' 91 8  
1 2Z0W GLY A 92 ? UNP Q8N3C7 ? ? 'expression tag' 92 9  
1 2Z0W PRO A 93 ? UNP Q8N3C7 ? ? 'expression tag' 93 10 
1 2Z0W SER A 94 ? UNP Q8N3C7 ? ? 'expression tag' 94 11 
1 2Z0W SER A 95 ? UNP Q8N3C7 ? ? 'expression tag' 95 12 
1 2Z0W GLY A 96 ? UNP Q8N3C7 ? ? 'expression tag' 96 13 
# 
_pdbx_struct_assembly.id                   1 
_pdbx_struct_assembly.details              author_and_software_defined_assembly 
_pdbx_struct_assembly.method_details       PISA 
_pdbx_struct_assembly.oligomeric_details   dimeric 
_pdbx_struct_assembly.oligomeric_count     2 
# 
_pdbx_struct_assembly_prop.biol_id   1 
_pdbx_struct_assembly_prop.type      'ABSA (A^2)' 
_pdbx_struct_assembly_prop.value     3570 
_pdbx_struct_assembly_prop.details   ? 
# 
_pdbx_struct_assembly_gen.assembly_id       1 
_pdbx_struct_assembly_gen.oper_expression   1,2 
_pdbx_struct_assembly_gen.asym_id_list      A,B 
# 
loop_
_pdbx_struct_oper_list.id 
_pdbx_struct_oper_list.type 
_pdbx_struct_oper_list.name 
_pdbx_struct_oper_list.symmetry_operation 
_pdbx_struct_oper_list.matrix[1][1] 
_pdbx_struct_oper_list.matrix[1][2] 
_pdbx_struct_oper_list.matrix[1][3] 
_pdbx_struct_oper_list.vector[1] 
_pdbx_struct_oper_list.matrix[2][1] 
_pdbx_struct_oper_list.matrix[2][2] 
_pdbx_struct_oper_list.matrix[2][3] 
_pdbx_struct_oper_list.vector[2] 
_pdbx_struct_oper_list.matrix[3][1] 
_pdbx_struct_oper_list.matrix[3][2] 
_pdbx_struct_oper_list.matrix[3][3] 
_pdbx_struct_oper_list.vector[3] 
1 'identity operation'         1_555  x,y,z                1.0000000000  0.0000000000 0.0000000000  0.0000000000  0.0000000000 1.0000000000 0.0000000000  0.0000000000  0.0000000000  0.0000000000  1.0000000000  0.0000000000  
2 'crystal symmetry operation' 16_555 -y+1/2,-x+1/2,-z+1/2 -0.5518431192 0.7832032901 -0.2864642703 10.3488670151 0.7832032901 0.3687336286 -0.5006277236 -0.4421863739 -0.2864642703 -0.5006277236 -0.8168905093 14.9812544967 
# 
_struct_biol.id   1 
# 
_struct_conf.conf_type_id            HELX_P 
_struct_conf.id                      HELX_P1 
_struct_conf.pdbx_PDB_helix_id       1 
_struct_conf.beg_label_comp_id       PRO 
_struct_conf.beg_label_asym_id       A 
_struct_conf.beg_label_seq_id        73 
_struct_conf.pdbx_beg_PDB_ins_code   ? 
_struct_conf.end_label_comp_id       VAL 
_struct_conf.end_label_asym_id       A 
_struct_conf.end_label_seq_id        77 
_struct_conf.pdbx_end_PDB_ins_code   ? 
_struct_conf.beg_auth_comp_id        PRO 
_struct_conf.beg_auth_asym_id        A 
_struct_conf.beg_auth_seq_id         73 
_struct_conf.end_auth_comp_id        VAL 
_struct_conf.end_auth_asym_id        A 
_struct_conf.end_auth_seq_id         77 
_struct_conf.pdbx_PDB_helix_class    5 
_struct_conf.details                 ? 
_struct_conf.pdbx_PDB_helix_length   5 
# 
_struct_conf_type.id          HELX_P 
_struct_conf_type.criteria    ? 
_struct_conf_type.reference   ? 
# 
loop_
_struct_sheet.id 
_struct_sheet.type 
_struct_sheet.number_strands 
_struct_sheet.details 
A ? 3 ? 
B ? 2 ? 
# 
loop_
_struct_sheet_order.sheet_id 
_struct_sheet_order.range_id_1 
_struct_sheet_order.range_id_2 
_struct_sheet_order.offset 
_struct_sheet_order.sense 
A 1 2 ? anti-parallel 
A 2 3 ? anti-parallel 
B 1 2 ? anti-parallel 
# 
loop_
_struct_sheet_range.sheet_id 
_struct_sheet_range.id 
_struct_sheet_range.beg_label_comp_id 
_struct_sheet_range.beg_label_asym_id 
_struct_sheet_range.beg_label_seq_id 
_struct_sheet_range.pdbx_beg_PDB_ins_code 
_struct_sheet_range.end_label_comp_id 
_struct_sheet_range.end_label_asym_id 
_struct_sheet_range.end_label_seq_id 
_struct_sheet_range.pdbx_end_PDB_ins_code 
_struct_sheet_range.beg_auth_comp_id 
_struct_sheet_range.beg_auth_asym_id 
_struct_sheet_range.beg_auth_seq_id 
_struct_sheet_range.end_auth_comp_id 
_struct_sheet_range.end_auth_asym_id 
_struct_sheet_range.end_auth_seq_id 
A 1 GLY A 25 ? GLY A 31 ? GLY A 25 GLY A 31 
A 2 TRP A 40 ? LEU A 45 ? TRP A 40 LEU A 45 
A 3 GLY A 69 ? ALA A 72 ? GLY A 69 ALA A 72 
B 1 SER A 55 ? VAL A 56 ? SER A 55 VAL A 56 
B 2 VAL A 59 ? GLN A 60 ? VAL A 59 GLN A 60 
# 
loop_
_pdbx_struct_sheet_hbond.sheet_id 
_pdbx_struct_sheet_hbond.range_id_1 
_pdbx_struct_sheet_hbond.range_id_2 
_pdbx_struct_sheet_hbond.range_1_label_atom_id 
_pdbx_struct_sheet_hbond.range_1_label_comp_id 
_pdbx_struct_sheet_hbond.range_1_label_asym_id 
_pdbx_struct_sheet_hbond.range_1_label_seq_id 
_pdbx_struct_sheet_hbond.range_1_PDB_ins_code 
_pdbx_struct_sheet_hbond.range_1_auth_atom_id 
_pdbx_struct_sheet_hbond.range_1_auth_comp_id 
_pdbx_struct_sheet_hbond.range_1_auth_asym_id 
_pdbx_struct_sheet_hbond.range_1_auth_seq_id 
_pdbx_struct_sheet_hbond.range_2_label_atom_id 
_pdbx_struct_sheet_hbond.range_2_label_comp_id 
_pdbx_struct_sheet_hbond.range_2_label_asym_id 
_pdbx_struct_sheet_hbond.range_2_label_seq_id 
_pdbx_struct_sheet_hbond.range_2_PDB_ins_code 
_pdbx_struct_sheet_hbond.range_2_auth_atom_id 
_pdbx_struct_sheet_hbond.range_2_auth_comp_id 
_pdbx_struct_sheet_hbond.range_2_auth_asym_id 
_pdbx_struct_sheet_hbond.range_2_auth_seq_id 
A 1 2 N ARG A 28 ? N ARG A 28 O GLY A 42 ? O GLY A 42 
A 2 3 N ILE A 43 ? N ILE A 43 O ILE A 70 ? O ILE A 70 
B 1 2 N VAL A 56 ? N VAL A 56 O VAL A 59 ? O VAL A 59 
# 
loop_
_pdbx_validate_torsion.id 
_pdbx_validate_torsion.PDB_model_num 
_pdbx_validate_torsion.auth_comp_id 
_pdbx_validate_torsion.auth_asym_id 
_pdbx_validate_torsion.auth_seq_id 
_pdbx_validate_torsion.PDB_ins_code 
_pdbx_validate_torsion.label_alt_id 
_pdbx_validate_torsion.phi 
_pdbx_validate_torsion.psi 
1 1 PRO A 48 ? ? -66.20 46.85  
2 1 ARG A 67 ? ? 77.13  -11.51 
# 
_pdbx_SG_project.id                    1 
_pdbx_SG_project.project_name          'NPPSFA, National Project on Protein Structural and Functional Analyses' 
_pdbx_SG_project.full_name_of_center   'RIKEN Structural Genomics/Proteomics Initiative' 
_pdbx_SG_project.initial_of_center     RSGI 
# 
loop_
_pdbx_unobs_or_zero_occ_residues.id 
_pdbx_unobs_or_zero_occ_residues.PDB_model_num 
_pdbx_unobs_or_zero_occ_residues.polymer_flag 
_pdbx_unobs_or_zero_occ_residues.occupancy_flag 
_pdbx_unobs_or_zero_occ_residues.auth_asym_id 
_pdbx_unobs_or_zero_occ_residues.auth_comp_id 
_pdbx_unobs_or_zero_occ_residues.auth_seq_id 
_pdbx_unobs_or_zero_occ_residues.PDB_ins_code 
_pdbx_unobs_or_zero_occ_residues.label_asym_id 
_pdbx_unobs_or_zero_occ_residues.label_comp_id 
_pdbx_unobs_or_zero_occ_residues.label_seq_id 
1  1 Y 1 A GLY 1  ? A GLY 1  
2  1 Y 1 A SER 2  ? A SER 2  
3  1 Y 1 A SER 3  ? A SER 3  
4  1 Y 1 A GLY 4  ? A GLY 4  
5  1 Y 1 A SER 5  ? A SER 5  
6  1 Y 1 A SER 6  ? A SER 6  
7  1 Y 1 A GLY 7  ? A GLY 7  
8  1 Y 1 A GLU 8  ? A GLU 8  
9  1 Y 1 A GLY 9  ? A GLY 9  
10 1 Y 1 A GLU 10 ? A GLU 10 
11 1 Y 1 A SER 83 ? A SER 83 
12 1 Y 1 A LEU 84 ? A LEU 84 
13 1 Y 1 A ASP 85 ? A ASP 85 
14 1 Y 1 A THR 86 ? A THR 86 
15 1 Y 1 A LEU 87 ? A LEU 87 
16 1 Y 1 A SER 88 ? A SER 88 
17 1 Y 1 A GLU 89 ? A GLU 89 
18 1 Y 1 A ILE 90 ? A ILE 90 
19 1 Y 1 A SER 91 ? A SER 91 
20 1 Y 1 A GLY 92 ? A GLY 92 
21 1 Y 1 A PRO 93 ? A PRO 93 
22 1 Y 1 A SER 94 ? A SER 94 
23 1 Y 1 A SER 95 ? A SER 95 
24 1 Y 1 A GLY 96 ? A GLY 96 
# 
loop_
_chem_comp_atom.comp_id 
_chem_comp_atom.atom_id 
_chem_comp_atom.type_symbol 
_chem_comp_atom.pdbx_aromatic_flag 
_chem_comp_atom.pdbx_stereo_config 
_chem_comp_atom.pdbx_ordinal 
ALA N    N N N 1   
ALA CA   C N S 2   
ALA C    C N N 3   
ALA O    O N N 4   
ALA CB   C N N 5   
ALA OXT  O N N 6   
ALA H    H N N 7   
ALA H2   H N N 8   
ALA HA   H N N 9   
ALA HB1  H N N 10  
ALA HB2  H N N 11  
ALA HB3  H N N 12  
ALA HXT  H N N 13  
ARG N    N N N 14  
ARG CA   C N S 15  
ARG C    C N N 16  
ARG O    O N N 17  
ARG CB   C N N 18  
ARG CG   C N N 19  
ARG CD   C N N 20  
ARG NE   N N N 21  
ARG CZ   C N N 22  
ARG NH1  N N N 23  
ARG NH2  N N N 24  
ARG OXT  O N N 25  
ARG H    H N N 26  
ARG H2   H N N 27  
ARG HA   H N N 28  
ARG HB2  H N N 29  
ARG HB3  H N N 30  
ARG HG2  H N N 31  
ARG HG3  H N N 32  
ARG HD2  H N N 33  
ARG HD3  H N N 34  
ARG HE   H N N 35  
ARG HH11 H N N 36  
ARG HH12 H N N 37  
ARG HH21 H N N 38  
ARG HH22 H N N 39  
ARG HXT  H N N 40  
ASN N    N N N 41  
ASN CA   C N S 42  
ASN C    C N N 43  
ASN O    O N N 44  
ASN CB   C N N 45  
ASN CG   C N N 46  
ASN OD1  O N N 47  
ASN ND2  N N N 48  
ASN OXT  O N N 49  
ASN H    H N N 50  
ASN H2   H N N 51  
ASN HA   H N N 52  
ASN HB2  H N N 53  
ASN HB3  H N N 54  
ASN HD21 H N N 55  
ASN HD22 H N N 56  
ASN HXT  H N N 57  
ASP N    N N N 58  
ASP CA   C N S 59  
ASP C    C N N 60  
ASP O    O N N 61  
ASP CB   C N N 62  
ASP CG   C N N 63  
ASP OD1  O N N 64  
ASP OD2  O N N 65  
ASP OXT  O N N 66  
ASP H    H N N 67  
ASP H2   H N N 68  
ASP HA   H N N 69  
ASP HB2  H N N 70  
ASP HB3  H N N 71  
ASP HD2  H N N 72  
ASP HXT  H N N 73  
CYS N    N N N 74  
CYS CA   C N R 75  
CYS C    C N N 76  
CYS O    O N N 77  
CYS CB   C N N 78  
CYS SG   S N N 79  
CYS OXT  O N N 80  
CYS H    H N N 81  
CYS H2   H N N 82  
CYS HA   H N N 83  
CYS HB2  H N N 84  
CYS HB3  H N N 85  
CYS HG   H N N 86  
CYS HXT  H N N 87  
GLN N    N N N 88  
GLN CA   C N S 89  
GLN C    C N N 90  
GLN O    O N N 91  
GLN CB   C N N 92  
GLN CG   C N N 93  
GLN CD   C N N 94  
GLN OE1  O N N 95  
GLN NE2  N N N 96  
GLN OXT  O N N 97  
GLN H    H N N 98  
GLN H2   H N N 99  
GLN HA   H N N 100 
GLN HB2  H N N 101 
GLN HB3  H N N 102 
GLN HG2  H N N 103 
GLN HG3  H N N 104 
GLN HE21 H N N 105 
GLN HE22 H N N 106 
GLN HXT  H N N 107 
GLU N    N N N 108 
GLU CA   C N S 109 
GLU C    C N N 110 
GLU O    O N N 111 
GLU CB   C N N 112 
GLU CG   C N N 113 
GLU CD   C N N 114 
GLU OE1  O N N 115 
GLU OE2  O N N 116 
GLU OXT  O N N 117 
GLU H    H N N 118 
GLU H2   H N N 119 
GLU HA   H N N 120 
GLU HB2  H N N 121 
GLU HB3  H N N 122 
GLU HG2  H N N 123 
GLU HG3  H N N 124 
GLU HE2  H N N 125 
GLU HXT  H N N 126 
GLY N    N N N 127 
GLY CA   C N N 128 
GLY C    C N N 129 
GLY O    O N N 130 
GLY OXT  O N N 131 
GLY H    H N N 132 
GLY H2   H N N 133 
GLY HA2  H N N 134 
GLY HA3  H N N 135 
GLY HXT  H N N 136 
HIS N    N N N 137 
HIS CA   C N S 138 
HIS C    C N N 139 
HIS O    O N N 140 
HIS CB   C N N 141 
HIS CG   C Y N 142 
HIS ND1  N Y N 143 
HIS CD2  C Y N 144 
HIS CE1  C Y N 145 
HIS NE2  N Y N 146 
HIS OXT  O N N 147 
HIS H    H N N 148 
HIS H2   H N N 149 
HIS HA   H N N 150 
HIS HB2  H N N 151 
HIS HB3  H N N 152 
HIS HD1  H N N 153 
HIS HD2  H N N 154 
HIS HE1  H N N 155 
HIS HE2  H N N 156 
HIS HXT  H N N 157 
HOH O    O N N 158 
HOH H1   H N N 159 
HOH H2   H N N 160 
ILE N    N N N 161 
ILE CA   C N S 162 
ILE C    C N N 163 
ILE O    O N N 164 
ILE CB   C N S 165 
ILE CG1  C N N 166 
ILE CG2  C N N 167 
ILE CD1  C N N 168 
ILE OXT  O N N 169 
ILE H    H N N 170 
ILE H2   H N N 171 
ILE HA   H N N 172 
ILE HB   H N N 173 
ILE HG12 H N N 174 
ILE HG13 H N N 175 
ILE HG21 H N N 176 
ILE HG22 H N N 177 
ILE HG23 H N N 178 
ILE HD11 H N N 179 
ILE HD12 H N N 180 
ILE HD13 H N N 181 
ILE HXT  H N N 182 
LEU N    N N N 183 
LEU CA   C N S 184 
LEU C    C N N 185 
LEU O    O N N 186 
LEU CB   C N N 187 
LEU CG   C N N 188 
LEU CD1  C N N 189 
LEU CD2  C N N 190 
LEU OXT  O N N 191 
LEU H    H N N 192 
LEU H2   H N N 193 
LEU HA   H N N 194 
LEU HB2  H N N 195 
LEU HB3  H N N 196 
LEU HG   H N N 197 
LEU HD11 H N N 198 
LEU HD12 H N N 199 
LEU HD13 H N N 200 
LEU HD21 H N N 201 
LEU HD22 H N N 202 
LEU HD23 H N N 203 
LEU HXT  H N N 204 
LYS N    N N N 205 
LYS CA   C N S 206 
LYS C    C N N 207 
LYS O    O N N 208 
LYS CB   C N N 209 
LYS CG   C N N 210 
LYS CD   C N N 211 
LYS CE   C N N 212 
LYS NZ   N N N 213 
LYS OXT  O N N 214 
LYS H    H N N 215 
LYS H2   H N N 216 
LYS HA   H N N 217 
LYS HB2  H N N 218 
LYS HB3  H N N 219 
LYS HG2  H N N 220 
LYS HG3  H N N 221 
LYS HD2  H N N 222 
LYS HD3  H N N 223 
LYS HE2  H N N 224 
LYS HE3  H N N 225 
LYS HZ1  H N N 226 
LYS HZ2  H N N 227 
LYS HZ3  H N N 228 
LYS HXT  H N N 229 
PHE N    N N N 230 
PHE CA   C N S 231 
PHE C    C N N 232 
PHE O    O N N 233 
PHE CB   C N N 234 
PHE CG   C Y N 235 
PHE CD1  C Y N 236 
PHE CD2  C Y N 237 
PHE CE1  C Y N 238 
PHE CE2  C Y N 239 
PHE CZ   C Y N 240 
PHE OXT  O N N 241 
PHE H    H N N 242 
PHE H2   H N N 243 
PHE HA   H N N 244 
PHE HB2  H N N 245 
PHE HB3  H N N 246 
PHE HD1  H N N 247 
PHE HD2  H N N 248 
PHE HE1  H N N 249 
PHE HE2  H N N 250 
PHE HZ   H N N 251 
PHE HXT  H N N 252 
PRO N    N N N 253 
PRO CA   C N S 254 
PRO C    C N N 255 
PRO O    O N N 256 
PRO CB   C N N 257 
PRO CG   C N N 258 
PRO CD   C N N 259 
PRO OXT  O N N 260 
PRO H    H N N 261 
PRO HA   H N N 262 
PRO HB2  H N N 263 
PRO HB3  H N N 264 
PRO HG2  H N N 265 
PRO HG3  H N N 266 
PRO HD2  H N N 267 
PRO HD3  H N N 268 
PRO HXT  H N N 269 
SER N    N N N 270 
SER CA   C N S 271 
SER C    C N N 272 
SER O    O N N 273 
SER CB   C N N 274 
SER OG   O N N 275 
SER OXT  O N N 276 
SER H    H N N 277 
SER H2   H N N 278 
SER HA   H N N 279 
SER HB2  H N N 280 
SER HB3  H N N 281 
SER HG   H N N 282 
SER HXT  H N N 283 
THR N    N N N 284 
THR CA   C N S 285 
THR C    C N N 286 
THR O    O N N 287 
THR CB   C N R 288 
THR OG1  O N N 289 
THR CG2  C N N 290 
THR OXT  O N N 291 
THR H    H N N 292 
THR H2   H N N 293 
THR HA   H N N 294 
THR HB   H N N 295 
THR HG1  H N N 296 
THR HG21 H N N 297 
THR HG22 H N N 298 
THR HG23 H N N 299 
THR HXT  H N N 300 
TRP N    N N N 301 
TRP CA   C N S 302 
TRP C    C N N 303 
TRP O    O N N 304 
TRP CB   C N N 305 
TRP CG   C Y N 306 
TRP CD1  C Y N 307 
TRP CD2  C Y N 308 
TRP NE1  N Y N 309 
TRP CE2  C Y N 310 
TRP CE3  C Y N 311 
TRP CZ2  C Y N 312 
TRP CZ3  C Y N 313 
TRP CH2  C Y N 314 
TRP OXT  O N N 315 
TRP H    H N N 316 
TRP H2   H N N 317 
TRP HA   H N N 318 
TRP HB2  H N N 319 
TRP HB3  H N N 320 
TRP HD1  H N N 321 
TRP HE1  H N N 322 
TRP HE3  H N N 323 
TRP HZ2  H N N 324 
TRP HZ3  H N N 325 
TRP HH2  H N N 326 
TRP HXT  H N N 327 
TYR N    N N N 328 
TYR CA   C N S 329 
TYR C    C N N 330 
TYR O    O N N 331 
TYR CB   C N N 332 
TYR CG   C Y N 333 
TYR CD1  C Y N 334 
TYR CD2  C Y N 335 
TYR CE1  C Y N 336 
TYR CE2  C Y N 337 
TYR CZ   C Y N 338 
TYR OH   O N N 339 
TYR OXT  O N N 340 
TYR H    H N N 341 
TYR H2   H N N 342 
TYR HA   H N N 343 
TYR HB2  H N N 344 
TYR HB3  H N N 345 
TYR HD1  H N N 346 
TYR HD2  H N N 347 
TYR HE1  H N N 348 
TYR HE2  H N N 349 
TYR HH   H N N 350 
TYR HXT  H N N 351 
VAL N    N N N 352 
VAL CA   C N S 353 
VAL C    C N N 354 
VAL O    O N N 355 
VAL CB   C N N 356 
VAL CG1  C N N 357 
VAL CG2  C N N 358 
VAL OXT  O N N 359 
VAL H    H N N 360 
VAL H2   H N N 361 
VAL HA   H N N 362 
VAL HB   H N N 363 
VAL HG11 H N N 364 
VAL HG12 H N N 365 
VAL HG13 H N N 366 
VAL HG21 H N N 367 
VAL HG22 H N N 368 
VAL HG23 H N N 369 
VAL HXT  H N N 370 
# 
loop_
_chem_comp_bond.comp_id 
_chem_comp_bond.atom_id_1 
_chem_comp_bond.atom_id_2 
_chem_comp_bond.value_order 
_chem_comp_bond.pdbx_aromatic_flag 
_chem_comp_bond.pdbx_stereo_config 
_chem_comp_bond.pdbx_ordinal 
ALA N   CA   sing N N 1   
ALA N   H    sing N N 2   
ALA N   H2   sing N N 3   
ALA CA  C    sing N N 4   
ALA CA  CB   sing N N 5   
ALA CA  HA   sing N N 6   
ALA C   O    doub N N 7   
ALA C   OXT  sing N N 8   
ALA CB  HB1  sing N N 9   
ALA CB  HB2  sing N N 10  
ALA CB  HB3  sing N N 11  
ALA OXT HXT  sing N N 12  
ARG N   CA   sing N N 13  
ARG N   H    sing N N 14  
ARG N   H2   sing N N 15  
ARG CA  C    sing N N 16  
ARG CA  CB   sing N N 17  
ARG CA  HA   sing N N 18  
ARG C   O    doub N N 19  
ARG C   OXT  sing N N 20  
ARG CB  CG   sing N N 21  
ARG CB  HB2  sing N N 22  
ARG CB  HB3  sing N N 23  
ARG CG  CD   sing N N 24  
ARG CG  HG2  sing N N 25  
ARG CG  HG3  sing N N 26  
ARG CD  NE   sing N N 27  
ARG CD  HD2  sing N N 28  
ARG CD  HD3  sing N N 29  
ARG NE  CZ   sing N N 30  
ARG NE  HE   sing N N 31  
ARG CZ  NH1  sing N N 32  
ARG CZ  NH2  doub N N 33  
ARG NH1 HH11 sing N N 34  
ARG NH1 HH12 sing N N 35  
ARG NH2 HH21 sing N N 36  
ARG NH2 HH22 sing N N 37  
ARG OXT HXT  sing N N 38  
ASN N   CA   sing N N 39  
ASN N   H    sing N N 40  
ASN N   H2   sing N N 41  
ASN CA  C    sing N N 42  
ASN CA  CB   sing N N 43  
ASN CA  HA   sing N N 44  
ASN C   O    doub N N 45  
ASN C   OXT  sing N N 46  
ASN CB  CG   sing N N 47  
ASN CB  HB2  sing N N 48  
ASN CB  HB3  sing N N 49  
ASN CG  OD1  doub N N 50  
ASN CG  ND2  sing N N 51  
ASN ND2 HD21 sing N N 52  
ASN ND2 HD22 sing N N 53  
ASN OXT HXT  sing N N 54  
ASP N   CA   sing N N 55  
ASP N   H    sing N N 56  
ASP N   H2   sing N N 57  
ASP CA  C    sing N N 58  
ASP CA  CB   sing N N 59  
ASP CA  HA   sing N N 60  
ASP C   O    doub N N 61  
ASP C   OXT  sing N N 62  
ASP CB  CG   sing N N 63  
ASP CB  HB2  sing N N 64  
ASP CB  HB3  sing N N 65  
ASP CG  OD1  doub N N 66  
ASP CG  OD2  sing N N 67  
ASP OD2 HD2  sing N N 68  
ASP OXT HXT  sing N N 69  
CYS N   CA   sing N N 70  
CYS N   H    sing N N 71  
CYS N   H2   sing N N 72  
CYS CA  C    sing N N 73  
CYS CA  CB   sing N N 74  
CYS CA  HA   sing N N 75  
CYS C   O    doub N N 76  
CYS C   OXT  sing N N 77  
CYS CB  SG   sing N N 78  
CYS CB  HB2  sing N N 79  
CYS CB  HB3  sing N N 80  
CYS SG  HG   sing N N 81  
CYS OXT HXT  sing N N 82  
GLN N   CA   sing N N 83  
GLN N   H    sing N N 84  
GLN N   H2   sing N N 85  
GLN CA  C    sing N N 86  
GLN CA  CB   sing N N 87  
GLN CA  HA   sing N N 88  
GLN C   O    doub N N 89  
GLN C   OXT  sing N N 90  
GLN CB  CG   sing N N 91  
GLN CB  HB2  sing N N 92  
GLN CB  HB3  sing N N 93  
GLN CG  CD   sing N N 94  
GLN CG  HG2  sing N N 95  
GLN CG  HG3  sing N N 96  
GLN CD  OE1  doub N N 97  
GLN CD  NE2  sing N N 98  
GLN NE2 HE21 sing N N 99  
GLN NE2 HE22 sing N N 100 
GLN OXT HXT  sing N N 101 
GLU N   CA   sing N N 102 
GLU N   H    sing N N 103 
GLU N   H2   sing N N 104 
GLU CA  C    sing N N 105 
GLU CA  CB   sing N N 106 
GLU CA  HA   sing N N 107 
GLU C   O    doub N N 108 
GLU C   OXT  sing N N 109 
GLU CB  CG   sing N N 110 
GLU CB  HB2  sing N N 111 
GLU CB  HB3  sing N N 112 
GLU CG  CD   sing N N 113 
GLU CG  HG2  sing N N 114 
GLU CG  HG3  sing N N 115 
GLU CD  OE1  doub N N 116 
GLU CD  OE2  sing N N 117 
GLU OE2 HE2  sing N N 118 
GLU OXT HXT  sing N N 119 
GLY N   CA   sing N N 120 
GLY N   H    sing N N 121 
GLY N   H2   sing N N 122 
GLY CA  C    sing N N 123 
GLY CA  HA2  sing N N 124 
GLY CA  HA3  sing N N 125 
GLY C   O    doub N N 126 
GLY C   OXT  sing N N 127 
GLY OXT HXT  sing N N 128 
HIS N   CA   sing N N 129 
HIS N   H    sing N N 130 
HIS N   H2   sing N N 131 
HIS CA  C    sing N N 132 
HIS CA  CB   sing N N 133 
HIS CA  HA   sing N N 134 
HIS C   O    doub N N 135 
HIS C   OXT  sing N N 136 
HIS CB  CG   sing N N 137 
HIS CB  HB2  sing N N 138 
HIS CB  HB3  sing N N 139 
HIS CG  ND1  sing Y N 140 
HIS CG  CD2  doub Y N 141 
HIS ND1 CE1  doub Y N 142 
HIS ND1 HD1  sing N N 143 
HIS CD2 NE2  sing Y N 144 
HIS CD2 HD2  sing N N 145 
HIS CE1 NE2  sing Y N 146 
HIS CE1 HE1  sing N N 147 
HIS NE2 HE2  sing N N 148 
HIS OXT HXT  sing N N 149 
HOH O   H1   sing N N 150 
HOH O   H2   sing N N 151 
ILE N   CA   sing N N 152 
ILE N   H    sing N N 153 
ILE N   H2   sing N N 154 
ILE CA  C    sing N N 155 
ILE CA  CB   sing N N 156 
ILE CA  HA   sing N N 157 
ILE C   O    doub N N 158 
ILE C   OXT  sing N N 159 
ILE CB  CG1  sing N N 160 
ILE CB  CG2  sing N N 161 
ILE CB  HB   sing N N 162 
ILE CG1 CD1  sing N N 163 
ILE CG1 HG12 sing N N 164 
ILE CG1 HG13 sing N N 165 
ILE CG2 HG21 sing N N 166 
ILE CG2 HG22 sing N N 167 
ILE CG2 HG23 sing N N 168 
ILE CD1 HD11 sing N N 169 
ILE CD1 HD12 sing N N 170 
ILE CD1 HD13 sing N N 171 
ILE OXT HXT  sing N N 172 
LEU N   CA   sing N N 173 
LEU N   H    sing N N 174 
LEU N   H2   sing N N 175 
LEU CA  C    sing N N 176 
LEU CA  CB   sing N N 177 
LEU CA  HA   sing N N 178 
LEU C   O    doub N N 179 
LEU C   OXT  sing N N 180 
LEU CB  CG   sing N N 181 
LEU CB  HB2  sing N N 182 
LEU CB  HB3  sing N N 183 
LEU CG  CD1  sing N N 184 
LEU CG  CD2  sing N N 185 
LEU CG  HG   sing N N 186 
LEU CD1 HD11 sing N N 187 
LEU CD1 HD12 sing N N 188 
LEU CD1 HD13 sing N N 189 
LEU CD2 HD21 sing N N 190 
LEU CD2 HD22 sing N N 191 
LEU CD2 HD23 sing N N 192 
LEU OXT HXT  sing N N 193 
LYS N   CA   sing N N 194 
LYS N   H    sing N N 195 
LYS N   H2   sing N N 196 
LYS CA  C    sing N N 197 
LYS CA  CB   sing N N 198 
LYS CA  HA   sing N N 199 
LYS C   O    doub N N 200 
LYS C   OXT  sing N N 201 
LYS CB  CG   sing N N 202 
LYS CB  HB2  sing N N 203 
LYS CB  HB3  sing N N 204 
LYS CG  CD   sing N N 205 
LYS CG  HG2  sing N N 206 
LYS CG  HG3  sing N N 207 
LYS CD  CE   sing N N 208 
LYS CD  HD2  sing N N 209 
LYS CD  HD3  sing N N 210 
LYS CE  NZ   sing N N 211 
LYS CE  HE2  sing N N 212 
LYS CE  HE3  sing N N 213 
LYS NZ  HZ1  sing N N 214 
LYS NZ  HZ2  sing N N 215 
LYS NZ  HZ3  sing N N 216 
LYS OXT HXT  sing N N 217 
PHE N   CA   sing N N 218 
PHE N   H    sing N N 219 
PHE N   H2   sing N N 220 
PHE CA  C    sing N N 221 
PHE CA  CB   sing N N 222 
PHE CA  HA   sing N N 223 
PHE C   O    doub N N 224 
PHE C   OXT  sing N N 225 
PHE CB  CG   sing N N 226 
PHE CB  HB2  sing N N 227 
PHE CB  HB3  sing N N 228 
PHE CG  CD1  doub Y N 229 
PHE CG  CD2  sing Y N 230 
PHE CD1 CE1  sing Y N 231 
PHE CD1 HD1  sing N N 232 
PHE CD2 CE2  doub Y N 233 
PHE CD2 HD2  sing N N 234 
PHE CE1 CZ   doub Y N 235 
PHE CE1 HE1  sing N N 236 
PHE CE2 CZ   sing Y N 237 
PHE CE2 HE2  sing N N 238 
PHE CZ  HZ   sing N N 239 
PHE OXT HXT  sing N N 240 
PRO N   CA   sing N N 241 
PRO N   CD   sing N N 242 
PRO N   H    sing N N 243 
PRO CA  C    sing N N 244 
PRO CA  CB   sing N N 245 
PRO CA  HA   sing N N 246 
PRO C   O    doub N N 247 
PRO C   OXT  sing N N 248 
PRO CB  CG   sing N N 249 
PRO CB  HB2  sing N N 250 
PRO CB  HB3  sing N N 251 
PRO CG  CD   sing N N 252 
PRO CG  HG2  sing N N 253 
PRO CG  HG3  sing N N 254 
PRO CD  HD2  sing N N 255 
PRO CD  HD3  sing N N 256 
PRO OXT HXT  sing N N 257 
SER N   CA   sing N N 258 
SER N   H    sing N N 259 
SER N   H2   sing N N 260 
SER CA  C    sing N N 261 
SER CA  CB   sing N N 262 
SER CA  HA   sing N N 263 
SER C   O    doub N N 264 
SER C   OXT  sing N N 265 
SER CB  OG   sing N N 266 
SER CB  HB2  sing N N 267 
SER CB  HB3  sing N N 268 
SER OG  HG   sing N N 269 
SER OXT HXT  sing N N 270 
THR N   CA   sing N N 271 
THR N   H    sing N N 272 
THR N   H2   sing N N 273 
THR CA  C    sing N N 274 
THR CA  CB   sing N N 275 
THR CA  HA   sing N N 276 
THR C   O    doub N N 277 
THR C   OXT  sing N N 278 
THR CB  OG1  sing N N 279 
THR CB  CG2  sing N N 280 
THR CB  HB   sing N N 281 
THR OG1 HG1  sing N N 282 
THR CG2 HG21 sing N N 283 
THR CG2 HG22 sing N N 284 
THR CG2 HG23 sing N N 285 
THR OXT HXT  sing N N 286 
TRP N   CA   sing N N 287 
TRP N   H    sing N N 288 
TRP N   H2   sing N N 289 
TRP CA  C    sing N N 290 
TRP CA  CB   sing N N 291 
TRP CA  HA   sing N N 292 
TRP C   O    doub N N 293 
TRP C   OXT  sing N N 294 
TRP CB  CG   sing N N 295 
TRP CB  HB2  sing N N 296 
TRP CB  HB3  sing N N 297 
TRP CG  CD1  doub Y N 298 
TRP CG  CD2  sing Y N 299 
TRP CD1 NE1  sing Y N 300 
TRP CD1 HD1  sing N N 301 
TRP CD2 CE2  doub Y N 302 
TRP CD2 CE3  sing Y N 303 
TRP NE1 CE2  sing Y N 304 
TRP NE1 HE1  sing N N 305 
TRP CE2 CZ2  sing Y N 306 
TRP CE3 CZ3  doub Y N 307 
TRP CE3 HE3  sing N N 308 
TRP CZ2 CH2  doub Y N 309 
TRP CZ2 HZ2  sing N N 310 
TRP CZ3 CH2  sing Y N 311 
TRP CZ3 HZ3  sing N N 312 
TRP CH2 HH2  sing N N 313 
TRP OXT HXT  sing N N 314 
TYR N   CA   sing N N 315 
TYR N   H    sing N N 316 
TYR N   H2   sing N N 317 
TYR CA  C    sing N N 318 
TYR CA  CB   sing N N 319 
TYR CA  HA   sing N N 320 
TYR C   O    doub N N 321 
TYR C   OXT  sing N N 322 
TYR CB  CG   sing N N 323 
TYR CB  HB2  sing N N 324 
TYR CB  HB3  sing N N 325 
TYR CG  CD1  doub Y N 326 
TYR CG  CD2  sing Y N 327 
TYR CD1 CE1  sing Y N 328 
TYR CD1 HD1  sing N N 329 
TYR CD2 CE2  doub Y N 330 
TYR CD2 HD2  sing N N 331 
TYR CE1 CZ   doub Y N 332 
TYR CE1 HE1  sing N N 333 
TYR CE2 CZ   sing Y N 334 
TYR CE2 HE2  sing N N 335 
TYR CZ  OH   sing N N 336 
TYR OH  HH   sing N N 337 
TYR OXT HXT  sing N N 338 
VAL N   CA   sing N N 339 
VAL N   H    sing N N 340 
VAL N   H2   sing N N 341 
VAL CA  C    sing N N 342 
VAL CA  CB   sing N N 343 
VAL CA  HA   sing N N 344 
VAL C   O    doub N N 345 
VAL C   OXT  sing N N 346 
VAL CB  CG1  sing N N 347 
VAL CB  CG2  sing N N 348 
VAL CB  HB   sing N N 349 
VAL CG1 HG11 sing N N 350 
VAL CG1 HG12 sing N N 351 
VAL CG1 HG13 sing N N 352 
VAL CG2 HG21 sing N N 353 
VAL CG2 HG22 sing N N 354 
VAL CG2 HG23 sing N N 355 
VAL OXT HXT  sing N N 356 
# 
_atom_sites.entry_id                    2Z0W 
_atom_sites.fract_transf_matrix[1][1]   -0.00057847 
_atom_sites.fract_transf_matrix[1][2]   -0.00651256 
_atom_sites.fract_transf_matrix[1][3]   0.01080713 
_atom_sites.fract_transf_matrix[2][1]   0.00787729 
_atom_sites.fract_transf_matrix[2][2]   0.00826481 
_atom_sites.fract_transf_matrix[2][3]   0.00540216 
_atom_sites.fract_transf_matrix[3][1]   -0.01258413 
_atom_sites.fract_transf_matrix[3][2]   0.00892062 
_atom_sites.fract_transf_matrix[3][3]   0.00470214 
_atom_sites.fract_transf_vector[1]      0.220608 
_atom_sites.fract_transf_vector[2]      0.120611 
_atom_sites.fract_transf_vector[3]      0.281867 
# 
loop_
_atom_type.symbol 
C 
N 
O 
S 
# 
loop_
_atom_site.group_PDB 
_atom_site.id 
_atom_site.type_symbol 
_atom_site.label_atom_id 
_atom_site.label_alt_id 
_atom_site.label_comp_id 
_atom_site.label_asym_id 
_atom_site.label_entity_id 
_atom_site.label_seq_id 
_atom_site.pdbx_PDB_ins_code 
_atom_site.Cartn_x 
_atom_site.Cartn_y 
_atom_site.Cartn_z 
_atom_site.occupancy 
_atom_site.B_iso_or_equiv 
_atom_site.pdbx_formal_charge 
_atom_site.auth_seq_id 
_atom_site.auth_comp_id 
_atom_site.auth_asym_id 
_atom_site.auth_atom_id 
_atom_site.pdbx_PDB_model_num 
ATOM   1   N N   . LEU A 1 11 ? 10.695  13.965  22.576  1.00 64.25 ? 11  LEU A N   1 
ATOM   2   C CA  . LEU A 1 11 ? 10.202  12.554  22.483  1.00 64.22 ? 11  LEU A CA  1 
ATOM   3   C C   . LEU A 1 11 ? 10.489  11.741  23.742  1.00 61.14 ? 11  LEU A C   1 
ATOM   4   O O   . LEU A 1 11 ? 11.558  11.136  23.877  1.00 58.77 ? 11  LEU A O   1 
ATOM   5   C CB  . LEU A 1 11 ? 10.819  11.822  21.283  1.00 59.73 ? 11  LEU A CB  1 
ATOM   6   C CG  . LEU A 1 11 ? 10.331  12.180  19.882  1.00 52.97 ? 11  LEU A CG  1 
ATOM   7   C CD1 . LEU A 1 11 ? 11.123  13.371  19.344  1.00 59.10 ? 11  LEU A CD1 1 
ATOM   8   C CD2 . LEU A 1 11 ? 10.521  10.980  18.975  1.00 47.40 ? 11  LEU A CD2 1 
ATOM   9   N N   . ARG A 1 12 ? 9.517   11.719  24.649  1.00 56.72 ? 12  ARG A N   1 
ATOM   10  C CA  . ARG A 1 12 ? 9.658   10.985  25.899  1.00 52.47 ? 12  ARG A CA  1 
ATOM   11  C C   . ARG A 1 12 ? 8.986   9.620   25.871  1.00 45.56 ? 12  ARG A C   1 
ATOM   12  O O   . ARG A 1 12 ? 8.266   9.286   24.934  1.00 44.57 ? 12  ARG A O   1 
ATOM   13  C CB  . ARG A 1 12 ? 9.082   11.804  27.055  1.00 58.35 ? 12  ARG A CB  1 
ATOM   14  C CG  . ARG A 1 12 ? 9.953   12.975  27.489  1.00 72.17 ? 12  ARG A CG  1 
ATOM   15  C CD  . ARG A 1 12 ? 9.729   13.291  28.970  1.00 81.71 ? 12  ARG A CD  1 
ATOM   16  N NE  . ARG A 1 12 ? 10.655  14.302  29.481  1.00 89.96 ? 12  ARG A NE  1 
ATOM   17  C CZ  . ARG A 1 12 ? 10.805  14.595  30.772  1.00 94.24 ? 12  ARG A CZ  1 
ATOM   18  N NH1 . ARG A 1 12 ? 10.086  13.949  31.688  1.00 90.87 ? 12  ARG A NH1 1 
ATOM   19  N NH2 . ARG A 1 12 ? 11.677  15.528  31.148  1.00 93.46 ? 12  ARG A NH2 1 
ATOM   20  N N   . LEU A 1 13 ? 9.232   8.824   26.902  1.00 40.69 ? 13  LEU A N   1 
ATOM   21  C CA  . LEU A 1 13 ? 8.617   7.513   26.991  1.00 38.47 ? 13  LEU A CA  1 
ATOM   22  C C   . LEU A 1 13 ? 7.091   7.687   27.124  1.00 40.24 ? 13  LEU A C   1 
ATOM   23  O O   . LEU A 1 13 ? 6.617   8.598   27.808  1.00 39.04 ? 13  LEU A O   1 
ATOM   24  C CB  . LEU A 1 13 ? 9.208   6.750   28.184  1.00 36.86 ? 13  LEU A CB  1 
ATOM   25  C CG  . LEU A 1 13 ? 10.711  6.413   28.072  1.00 43.12 ? 13  LEU A CG  1 
ATOM   26  C CD1 . LEU A 1 13 ? 11.280  5.959   29.422  1.00 46.41 ? 13  LEU A CD1 1 
ATOM   27  C CD2 . LEU A 1 13 ? 10.915  5.347   27.033  1.00 31.40 ? 13  LEU A CD2 1 
ATOM   28  N N   . GLY A 1 14 ? 6.327   6.836   26.444  1.00 36.78 ? 14  GLY A N   1 
ATOM   29  C CA  . GLY A 1 14 ? 4.877   6.922   26.510  1.00 32.44 ? 14  GLY A CA  1 
ATOM   30  C C   . GLY A 1 14 ? 4.251   7.739   25.386  1.00 36.76 ? 14  GLY A C   1 
ATOM   31  O O   . GLY A 1 14 ? 3.072   7.599   25.078  1.00 40.47 ? 14  GLY A O   1 
ATOM   32  N N   . GLU A 1 15 ? 5.044   8.605   24.778  1.00 34.79 ? 15  GLU A N   1 
ATOM   33  C CA  . GLU A 1 15 ? 4.593   9.458   23.692  1.00 34.90 ? 15  GLU A CA  1 
ATOM   34  C C   . GLU A 1 15 ? 4.199   8.657   22.446  1.00 41.31 ? 15  GLU A C   1 
ATOM   35  O O   . GLU A 1 15 ? 4.918   7.738   22.035  1.00 38.74 ? 15  GLU A O   1 
ATOM   36  C CB  . GLU A 1 15 ? 5.726   10.417  23.337  1.00 44.65 ? 15  GLU A CB  1 
ATOM   37  C CG  . GLU A 1 15 ? 5.297   11.797  22.906  1.00 62.11 ? 15  GLU A CG  1 
ATOM   38  C CD  . GLU A 1 15 ? 6.216   12.862  23.472  1.00 66.28 ? 15  GLU A CD  1 
ATOM   39  O OE1 . GLU A 1 15 ? 7.433   12.800  23.203  1.00 64.93 ? 15  GLU A OE1 1 
ATOM   40  O OE2 . GLU A 1 15 ? 5.720   13.754  24.198  1.00 75.64 ? 15  GLU A OE2 1 
ATOM   41  N N   . ARG A 1 16 ? 3.060   9.005   21.852  1.00 39.68 ? 16  ARG A N   1 
ATOM   42  C CA  . ARG A 1 16 ? 2.598   8.337   20.637  1.00 45.48 ? 16  ARG A CA  1 
ATOM   43  C C   . ARG A 1 16 ? 3.354   8.933   19.445  1.00 42.07 ? 16  ARG A C   1 
ATOM   44  O O   . ARG A 1 16 ? 3.470   10.155  19.306  1.00 44.52 ? 16  ARG A O   1 
ATOM   45  C CB  . ARG A 1 16 ? 1.094   8.535   20.458  1.00 51.32 ? 16  ARG A CB  1 
ATOM   46  C CG  . ARG A 1 16 ? 0.271   8.056   21.644  1.00 64.99 ? 16  ARG A CG  1 
ATOM   47  C CD  . ARG A 1 16 ? -0.060  6.571   21.573  1.00 70.64 ? 16  ARG A CD  1 
ATOM   48  N NE  . ARG A 1 16 ? -1.510  6.361   21.596  1.00 79.57 ? 16  ARG A NE  1 
ATOM   49  C CZ  . ARG A 1 16 ? -2.268  6.158   20.518  1.00 81.65 ? 16  ARG A CZ  1 
ATOM   50  N NH1 . ARG A 1 16 ? -1.715  6.125   19.310  1.00 76.53 ? 16  ARG A NH1 1 
ATOM   51  N NH2 . ARG A 1 16 ? -3.586  6.001   20.645  1.00 77.04 ? 16  ARG A NH2 1 
ATOM   52  N N   . VAL A 1 17 ? 3.856   8.070   18.573  1.00 32.83 ? 17  VAL A N   1 
ATOM   53  C CA  . VAL A 1 17 ? 4.630   8.542   17.442  1.00 28.25 ? 17  VAL A CA  1 
ATOM   54  C C   . VAL A 1 17 ? 4.359   7.821   16.148  1.00 31.18 ? 17  VAL A C   1 
ATOM   55  O O   . VAL A 1 17 ? 3.607   6.845   16.089  1.00 28.95 ? 17  VAL A O   1 
ATOM   56  C CB  . VAL A 1 17 ? 6.137   8.392   17.725  1.00 29.68 ? 17  VAL A CB  1 
ATOM   57  C CG1 . VAL A 1 17 ? 6.520   9.206   18.944  1.00 26.22 ? 17  VAL A CG1 1 
ATOM   58  C CG2 . VAL A 1 17 ? 6.471   6.926   17.954  1.00 15.77 ? 17  VAL A CG2 1 
ATOM   59  N N   . LEU A 1 18 ? 5.014   8.312   15.107  1.00 34.06 ? 18  LEU A N   1 
ATOM   60  C CA  . LEU A 1 18 ? 4.897   7.731   13.790  1.00 32.37 ? 18  LEU A CA  1 
ATOM   61  C C   . LEU A 1 18 ? 6.291   7.307   13.385  1.00 35.97 ? 18  LEU A C   1 
ATOM   62  O O   . LEU A 1 18 ? 7.238   8.101   13.452  1.00 34.82 ? 18  LEU A O   1 
ATOM   63  C CB  . LEU A 1 18 ? 4.351   8.754   12.781  1.00 35.25 ? 18  LEU A CB  1 
ATOM   64  C CG  . LEU A 1 18 ? 2.873   9.155   12.858  1.00 33.20 ? 18  LEU A CG  1 
ATOM   65  C CD1 . LEU A 1 18 ? 2.629   10.309  11.906  1.00 32.29 ? 18  LEU A CD1 1 
ATOM   66  C CD2 . LEU A 1 18 ? 1.984   7.971   12.505  1.00 25.60 ? 18  LEU A CD2 1 
ATOM   67  N N   . VAL A 1 19 ? 6.412   6.047   12.983  1.00 36.36 ? 19  VAL A N   1 
ATOM   68  C CA  . VAL A 1 19 ? 7.684   5.500   12.549  1.00 32.53 ? 19  VAL A CA  1 
ATOM   69  C C   . VAL A 1 19 ? 7.664   5.349   11.042  1.00 32.05 ? 19  VAL A C   1 
ATOM   70  O O   . VAL A 1 19 ? 6.751   4.755   10.472  1.00 31.25 ? 19  VAL A O   1 
ATOM   71  C CB  . VAL A 1 19 ? 7.957   4.114   13.178  1.00 36.82 ? 19  VAL A CB  1 
ATOM   72  C CG1 . VAL A 1 19 ? 9.424   3.738   12.972  1.00 31.49 ? 19  VAL A CG1 1 
ATOM   73  C CG2 . VAL A 1 19 ? 7.632   4.137   14.660  1.00 36.11 ? 19  VAL A CG2 1 
ATOM   74  N N   . VAL A 1 20 ? 8.682   5.900   10.407  1.00 29.83 ? 20  VAL A N   1 
ATOM   75  C CA  . VAL A 1 20 ? 8.820   5.854   8.970   1.00 34.58 ? 20  VAL A CA  1 
ATOM   76  C C   . VAL A 1 20 ? 9.636   4.640   8.582   1.00 42.06 ? 20  VAL A C   1 
ATOM   77  O O   . VAL A 1 20 ? 10.721  4.407   9.131   1.00 45.32 ? 20  VAL A O   1 
ATOM   78  C CB  . VAL A 1 20 ? 9.556   7.090   8.441   1.00 42.03 ? 20  VAL A CB  1 
ATOM   79  C CG1 . VAL A 1 20 ? 9.428   7.152   6.932   1.00 43.53 ? 20  VAL A CG1 1 
ATOM   80  C CG2 . VAL A 1 20 ? 8.990   8.348   9.085   1.00 56.89 ? 20  VAL A CG2 1 
ATOM   81  N N   . GLY A 1 21 ? 9.122   3.879   7.620   1.00 40.04 ? 21  GLY A N   1 
ATOM   82  C CA  . GLY A 1 21 ? 9.814   2.687   7.171   1.00 39.05 ? 21  GLY A CA  1 
ATOM   83  C C   . GLY A 1 21 ? 9.422   2.273   5.766   1.00 38.99 ? 21  GLY A C   1 
ATOM   84  O O   . GLY A 1 21 ? 8.658   2.952   5.088   1.00 34.56 ? 21  GLY A O   1 
ATOM   85  N N   . GLN A 1 22 ? 9.948   1.140   5.328   1.00 35.61 ? 22  GLN A N   1 
ATOM   86  C CA  . GLN A 1 22 ? 9.657   0.653   4.006   1.00 39.58 ? 22  GLN A CA  1 
ATOM   87  C C   . GLN A 1 22 ? 9.262   -0.809  4.040   1.00 39.45 ? 22  GLN A C   1 
ATOM   88  O O   . GLN A 1 22 ? 9.788   -1.590  4.822   1.00 31.49 ? 22  GLN A O   1 
ATOM   89  C CB  . GLN A 1 22 ? 10.875  0.850   3.102   1.00 46.86 ? 22  GLN A CB  1 
ATOM   90  C CG  . GLN A 1 22 ? 11.208  2.314   2.815   1.00 55.23 ? 22  GLN A CG  1 
ATOM   91  C CD  . GLN A 1 22 ? 12.347  2.476   1.814   1.00 62.98 ? 22  GLN A CD  1 
ATOM   92  O OE1 . GLN A 1 22 ? 12.623  3.580   1.337   1.00 62.51 ? 22  GLN A OE1 1 
ATOM   93  N NE2 . GLN A 1 22 ? 13.017  1.372   1.495   1.00 65.66 ? 22  GLN A NE2 1 
ATOM   94  N N   . ARG A 1 23 ? 8.302   -1.182  3.211   1.00 36.88 ? 23  ARG A N   1 
ATOM   95  C CA  . ARG A 1 23 ? 7.910   -2.575  3.178   1.00 42.48 ? 23  ARG A CA  1 
ATOM   96  C C   . ARG A 1 23 ? 8.189   -2.997  1.746   1.00 39.51 ? 23  ARG A C   1 
ATOM   97  O O   . ARG A 1 23 ? 8.058   -2.194  0.819   1.00 40.67 ? 23  ARG A O   1 
ATOM   98  C CB  . ARG A 1 23 ? 6.424   -2.754  3.530   1.00 44.92 ? 23  ARG A CB  1 
ATOM   99  C CG  . ARG A 1 23 ? 5.848   -1.722  4.505   1.00 59.12 ? 23  ARG A CG  1 
ATOM   100 C CD  . ARG A 1 23 ? 5.715   -0.353  3.806   1.00 72.12 ? 23  ARG A CD  1 
ATOM   101 N NE  . ARG A 1 23 ? 4.952   0.636   4.558   1.00 68.88 ? 23  ARG A NE  1 
ATOM   102 C CZ  . ARG A 1 23 ? 3.653   0.539   4.814   1.00 75.96 ? 23  ARG A CZ  1 
ATOM   103 N NH1 . ARG A 1 23 ? 2.962   -0.504  4.376   1.00 72.63 ? 23  ARG A NH1 1 
ATOM   104 N NH2 . ARG A 1 23 ? 3.048   1.487   5.517   1.00 81.26 ? 23  ARG A NH2 1 
ATOM   105 N N   . LEU A 1 24 ? 8.609   -4.245  1.580   1.00 35.02 ? 24  LEU A N   1 
ATOM   106 C CA  . LEU A 1 24 ? 8.929   -4.797  0.279   1.00 33.25 ? 24  LEU A CA  1 
ATOM   107 C C   . LEU A 1 24 ? 7.626   -5.332  -0.286  1.00 32.71 ? 24  LEU A C   1 
ATOM   108 O O   . LEU A 1 24 ? 6.801   -5.828  0.473   1.00 34.88 ? 24  LEU A O   1 
ATOM   109 C CB  . LEU A 1 24 ? 9.933   -5.940  0.439   1.00 34.37 ? 24  LEU A CB  1 
ATOM   110 C CG  . LEU A 1 24 ? 10.730  -6.396  -0.788  1.00 44.34 ? 24  LEU A CG  1 
ATOM   111 C CD1 . LEU A 1 24 ? 11.591  -5.248  -1.296  1.00 39.70 ? 24  LEU A CD1 1 
ATOM   112 C CD2 . LEU A 1 24 ? 11.625  -7.573  -0.403  1.00 47.37 ? 24  LEU A CD2 1 
ATOM   113 N N   . GLY A 1 25 ? 7.438   -5.213  -1.601  1.00 24.28 ? 25  GLY A N   1 
ATOM   114 C CA  . GLY A 1 25 ? 6.226   -5.715  -2.244  1.00 27.16 ? 25  GLY A CA  1 
ATOM   115 C C   . GLY A 1 25 ? 6.340   -5.804  -3.767  1.00 28.73 ? 25  GLY A C   1 
ATOM   116 O O   . GLY A 1 25 ? 7.387   -5.504  -4.356  1.00 24.97 ? 25  GLY A O   1 
ATOM   117 N N   . THR A 1 26 ? 5.264   -6.228  -4.413  1.00 30.61 ? 26  THR A N   1 
ATOM   118 C CA  . THR A 1 26 ? 5.256   -6.341  -5.870  1.00 31.27 ? 26  THR A CA  1 
ATOM   119 C C   . THR A 1 26 ? 4.097   -5.548  -6.459  1.00 30.77 ? 26  THR A C   1 
ATOM   120 O O   . THR A 1 26 ? 2.961   -5.653  -5.978  1.00 31.74 ? 26  THR A O   1 
ATOM   121 C CB  . THR A 1 26 ? 5.125   -7.803  -6.325  1.00 33.43 ? 26  THR A CB  1 
ATOM   122 O OG1 . THR A 1 26 ? 6.304   -8.512  -5.944  1.00 38.66 ? 26  THR A OG1 1 
ATOM   123 C CG2 . THR A 1 26 ? 4.942   -7.891  -7.853  1.00 25.67 ? 26  THR A CG2 1 
ATOM   124 N N   . ILE A 1 27 ? 4.389   -4.763  -7.498  1.00 25.23 ? 27  ILE A N   1 
ATOM   125 C CA  . ILE A 1 27 ? 3.371   -3.946  -8.148  1.00 26.43 ? 27  ILE A CA  1 
ATOM   126 C C   . ILE A 1 27 ? 2.398   -4.845  -8.879  1.00 26.50 ? 27  ILE A C   1 
ATOM   127 O O   . ILE A 1 27 ? 2.802   -5.682  -9.682  1.00 29.82 ? 27  ILE A O   1 
ATOM   128 C CB  . ILE A 1 27 ? 4.014   -2.945  -9.132  1.00 28.12 ? 27  ILE A CB  1 
ATOM   129 C CG1 . ILE A 1 27 ? 4.801   -1.890  -8.341  1.00 28.32 ? 27  ILE A CG1 1 
ATOM   130 C CG2 . ILE A 1 27 ? 2.941   -2.288  -9.989  1.00 27.14 ? 27  ILE A CG2 1 
ATOM   131 C CD1 . ILE A 1 27 ? 5.693   -1.014  -9.192  1.00 33.32 ? 27  ILE A CD1 1 
ATOM   132 N N   . ARG A 1 28 ? 1.113   -4.693  -8.584  1.00 27.80 ? 28  ARG A N   1 
ATOM   133 C CA  . ARG A 1 28 ? 0.090   -5.516  -9.244  1.00 31.71 ? 28  ARG A CA  1 
ATOM   134 C C   . ARG A 1 28 ? -0.951  -4.636  -9.937  1.00 26.11 ? 28  ARG A C   1 
ATOM   135 O O   . ARG A 1 28 ? -1.891  -5.142  -10.532 1.00 23.72 ? 28  ARG A O   1 
ATOM   136 C CB  . ARG A 1 28 ? -0.629  -6.404  -8.214  1.00 30.67 ? 28  ARG A CB  1 
ATOM   137 C CG  . ARG A 1 28 ? 0.265   -6.958  -7.132  1.00 36.18 ? 28  ARG A CG  1 
ATOM   138 C CD  . ARG A 1 28 ? 0.397   -8.482  -7.170  1.00 28.39 ? 28  ARG A CD  1 
ATOM   139 N NE  . ARG A 1 28 ? 1.382   -8.933  -8.142  1.00 46.55 ? 28  ARG A NE  1 
ATOM   140 C CZ  . ARG A 1 28 ? 2.061   -10.076 -8.052  1.00 48.69 ? 28  ARG A CZ  1 
ATOM   141 N NH1 . ARG A 1 28 ? 1.874   -10.900 -7.030  1.00 42.54 ? 28  ARG A NH1 1 
ATOM   142 N NH2 . ARG A 1 28 ? 2.928   -10.399 -9.000  1.00 50.80 ? 28  ARG A NH2 1 
ATOM   143 N N   . PHE A 1 29 ? -0.776  -3.318  -9.855  1.00 27.29 ? 29  PHE A N   1 
ATOM   144 C CA  . PHE A 1 29 ? -1.733  -2.400  -10.437 1.00 20.44 ? 29  PHE A CA  1 
ATOM   145 C C   . PHE A 1 29 ? -1.265  -0.942  -10.469 1.00 25.26 ? 29  PHE A C   1 
ATOM   146 O O   . PHE A 1 29 ? -0.485  -0.486  -9.629  1.00 25.96 ? 29  PHE A O   1 
ATOM   147 C CB  . PHE A 1 29 ? -3.036  -2.498  -9.642  1.00 20.69 ? 29  PHE A CB  1 
ATOM   148 C CG  . PHE A 1 29 ? -4.030  -1.421  -9.951  1.00 22.24 ? 29  PHE A CG  1 
ATOM   149 C CD1 . PHE A 1 29 ? -5.014  -1.621  -10.916 1.00 14.98 ? 29  PHE A CD1 1 
ATOM   150 C CD2 . PHE A 1 29 ? -4.000  -0.203  -9.255  1.00 26.38 ? 29  PHE A CD2 1 
ATOM   151 C CE1 . PHE A 1 29 ? -5.970  -0.628  -11.189 1.00 13.95 ? 29  PHE A CE1 1 
ATOM   152 C CE2 . PHE A 1 29 ? -4.950  0.806   -9.521  1.00 19.08 ? 29  PHE A CE2 1 
ATOM   153 C CZ  . PHE A 1 29 ? -5.939  0.594   -10.488 1.00 15.07 ? 29  PHE A CZ  1 
ATOM   154 N N   . PHE A 1 30 ? -1.725  -0.221  -11.476 1.00 19.53 ? 30  PHE A N   1 
ATOM   155 C CA  . PHE A 1 30 ? -1.428  1.175   -11.575 1.00 24.05 ? 30  PHE A CA  1 
ATOM   156 C C   . PHE A 1 30 ? -2.590  1.805   -12.339 1.00 27.27 ? 30  PHE A C   1 
ATOM   157 O O   . PHE A 1 30 ? -2.907  1.395   -13.455 1.00 22.42 ? 30  PHE A O   1 
ATOM   158 C CB  . PHE A 1 30 ? -0.114  1.432   -12.307 1.00 27.49 ? 30  PHE A CB  1 
ATOM   159 C CG  . PHE A 1 30 ? 0.176   2.894   -12.475 1.00 27.70 ? 30  PHE A CG  1 
ATOM   160 C CD1 . PHE A 1 30 ? 0.626   3.660   -11.392 1.00 24.36 ? 30  PHE A CD1 1 
ATOM   161 C CD2 . PHE A 1 30 ? -0.072  3.529   -13.696 1.00 29.02 ? 30  PHE A CD2 1 
ATOM   162 C CE1 . PHE A 1 30 ? 0.829   5.047   -11.525 1.00 19.92 ? 30  PHE A CE1 1 
ATOM   163 C CE2 . PHE A 1 30 ? 0.123   4.913   -13.843 1.00 25.96 ? 30  PHE A CE2 1 
ATOM   164 C CZ  . PHE A 1 30 ? 0.577   5.673   -12.750 1.00 20.46 ? 30  PHE A CZ  1 
ATOM   165 N N   . GLY A 1 31 ? -3.227  2.798   -11.733 1.00 22.63 ? 31  GLY A N   1 
ATOM   166 C CA  . GLY A 1 31 ? -4.339  3.431   -12.389 1.00 21.06 ? 31  GLY A CA  1 
ATOM   167 C C   . GLY A 1 31 ? -5.148  4.267   -11.433 1.00 28.73 ? 31  GLY A C   1 
ATOM   168 O O   . GLY A 1 31 ? -4.832  4.358   -10.239 1.00 22.00 ? 31  GLY A O   1 
ATOM   169 N N   . THR A 1 32 ? -6.192  4.893   -11.972 1.00 28.10 ? 32  THR A N   1 
ATOM   170 C CA  . THR A 1 32 ? -7.081  5.740   -11.188 1.00 25.13 ? 32  THR A CA  1 
ATOM   171 C C   . THR A 1 32 ? -7.970  4.861   -10.300 1.00 24.43 ? 32  THR A C   1 
ATOM   172 O O   . THR A 1 32 ? -8.087  3.661   -10.532 1.00 23.84 ? 32  THR A O   1 
ATOM   173 C CB  . THR A 1 32 ? -7.910  6.628   -12.135 1.00 25.00 ? 32  THR A CB  1 
ATOM   174 O OG1 . THR A 1 32 ? -8.506  5.814   -13.156 1.00 22.54 ? 32  THR A OG1 1 
ATOM   175 C CG2 . THR A 1 32 ? -6.995  7.663   -12.798 1.00 23.36 ? 32  THR A CG2 1 
ATOM   176 N N   . THR A 1 33 ? -8.572  5.442   -9.268  1.00 27.44 ? 33  THR A N   1 
ATOM   177 C CA  . THR A 1 33 ? -9.401  4.651   -8.358  1.00 31.69 ? 33  THR A CA  1 
ATOM   178 C C   . THR A 1 33 ? -10.608 5.455   -7.902  1.00 34.75 ? 33  THR A C   1 
ATOM   179 O O   . THR A 1 33 ? -10.749 6.620   -8.280  1.00 28.19 ? 33  THR A O   1 
ATOM   180 C CB  . THR A 1 33 ? -8.597  4.232   -7.096  1.00 28.28 ? 33  THR A CB  1 
ATOM   181 O OG1 . THR A 1 33 ? -8.338  5.392   -6.287  1.00 27.16 ? 33  THR A OG1 1 
ATOM   182 C CG2 . THR A 1 33 ? -7.261  3.605   -7.495  1.00 17.13 ? 33  THR A CG2 1 
ATOM   183 N N   . ASN A 1 34 ? -11.467 4.832   -7.091  1.00 32.50 ? 34  ASN A N   1 
ATOM   184 C CA  . ASN A 1 34 ? -12.655 5.505   -6.550  1.00 34.83 ? 34  ASN A CA  1 
ATOM   185 C C   . ASN A 1 34 ? -12.370 6.140   -5.198  1.00 31.87 ? 34  ASN A C   1 
ATOM   186 O O   . ASN A 1 34 ? -13.039 7.090   -4.794  1.00 42.67 ? 34  ASN A O   1 
ATOM   187 C CB  . ASN A 1 34 ? -13.820 4.521   -6.344  1.00 35.53 ? 34  ASN A CB  1 
ATOM   188 C CG  . ASN A 1 34 ? -14.481 4.124   -7.633  1.00 47.45 ? 34  ASN A CG  1 
ATOM   189 O OD1 . ASN A 1 34 ? -14.980 4.973   -8.371  1.00 58.11 ? 34  ASN A OD1 1 
ATOM   190 N ND2 . ASN A 1 34 ? -14.493 2.830   -7.917  1.00 56.71 ? 34  ASN A ND2 1 
ATOM   191 N N   . PHE A 1 35 ? -11.387 5.613   -4.480  1.00 31.09 ? 35  PHE A N   1 
ATOM   192 C CA  . PHE A 1 35 ? -11.129 6.138   -3.162  1.00 25.08 ? 35  PHE A CA  1 
ATOM   193 C C   . PHE A 1 35 ? -10.389 7.460   -3.155  1.00 32.10 ? 35  PHE A C   1 
ATOM   194 O O   . PHE A 1 35 ? -10.332 8.122   -2.127  1.00 29.96 ? 35  PHE A O   1 
ATOM   195 C CB  . PHE A 1 35 ? -10.422 5.083   -2.303  1.00 25.27 ? 35  PHE A CB  1 
ATOM   196 C CG  . PHE A 1 35 ? -9.049  4.703   -2.776  1.00 26.15 ? 35  PHE A CG  1 
ATOM   197 C CD1 . PHE A 1 35 ? -7.945  5.508   -2.481  1.00 21.72 ? 35  PHE A CD1 1 
ATOM   198 C CD2 . PHE A 1 35 ? -8.855  3.522   -3.501  1.00 25.33 ? 35  PHE A CD2 1 
ATOM   199 C CE1 . PHE A 1 35 ? -6.659  5.141   -2.901  1.00 23.78 ? 35  PHE A CE1 1 
ATOM   200 C CE2 . PHE A 1 35 ? -7.574  3.141   -3.927  1.00 23.87 ? 35  PHE A CE2 1 
ATOM   201 C CZ  . PHE A 1 35 ? -6.471  3.946   -3.630  1.00 20.25 ? 35  PHE A CZ  1 
ATOM   202 N N   . ALA A 1 36 ? -9.870  7.886   -4.308  1.00 29.78 ? 36  ALA A N   1 
ATOM   203 C CA  . ALA A 1 36 ? -9.134  9.151   -4.335  1.00 25.74 ? 36  ALA A CA  1 
ATOM   204 C C   . ALA A 1 36 ? -8.647  9.566   -5.719  1.00 26.22 ? 36  ALA A C   1 
ATOM   205 O O   . ALA A 1 36 ? -8.450  8.727   -6.606  1.00 29.59 ? 36  ALA A O   1 
ATOM   206 C CB  . ALA A 1 36 ? -7.939  9.061   -3.370  1.00 20.30 ? 36  ALA A CB  1 
ATOM   207 N N   . PRO A 1 37 ? -8.433  10.877  -5.918  1.00 24.93 ? 37  PRO A N   1 
ATOM   208 C CA  . PRO A 1 37 ? -7.957  11.365  -7.217  1.00 22.48 ? 37  PRO A CA  1 
ATOM   209 C C   . PRO A 1 37 ? -6.516  10.915  -7.452  1.00 20.78 ? 37  PRO A C   1 
ATOM   210 O O   . PRO A 1 37 ? -5.865  10.397  -6.538  1.00 20.86 ? 37  PRO A O   1 
ATOM   211 C CB  . PRO A 1 37 ? -8.084  12.891  -7.080  1.00 29.38 ? 37  PRO A CB  1 
ATOM   212 C CG  . PRO A 1 37 ? -7.807  13.124  -5.599  1.00 21.91 ? 37  PRO A CG  1 
ATOM   213 C CD  . PRO A 1 37 ? -8.556  11.978  -4.937  1.00 24.35 ? 37  PRO A CD  1 
ATOM   214 N N   . GLY A 1 38 ? -6.027  11.091  -8.677  1.00 22.35 ? 38  GLY A N   1 
ATOM   215 C CA  . GLY A 1 38 ? -4.652  10.717  -8.999  1.00 24.62 ? 38  GLY A CA  1 
ATOM   216 C C   . GLY A 1 38 ? -4.405  9.266   -9.398  1.00 26.81 ? 38  GLY A C   1 
ATOM   217 O O   . GLY A 1 38 ? -5.331  8.461   -9.501  1.00 23.16 ? 38  GLY A O   1 
ATOM   218 N N   . TYR A 1 39 ? -3.140  8.927   -9.622  1.00 21.80 ? 39  TYR A N   1 
ATOM   219 C CA  . TYR A 1 39 ? -2.801  7.574   -10.019 1.00 23.03 ? 39  TYR A CA  1 
ATOM   220 C C   . TYR A 1 39 ? -2.204  6.827   -8.841  1.00 28.05 ? 39  TYR A C   1 
ATOM   221 O O   . TYR A 1 39 ? -1.347  7.346   -8.103  1.00 22.07 ? 39  TYR A O   1 
ATOM   222 C CB  . TYR A 1 39 ? -1.842  7.590   -11.229 1.00 23.98 ? 39  TYR A CB  1 
ATOM   223 C CG  . TYR A 1 39 ? -2.547  7.907   -12.543 1.00 25.41 ? 39  TYR A CG  1 
ATOM   224 C CD1 . TYR A 1 39 ? -2.977  9.206   -12.840 1.00 24.24 ? 39  TYR A CD1 1 
ATOM   225 C CD2 . TYR A 1 39 ? -2.868  6.888   -13.448 1.00 26.10 ? 39  TYR A CD2 1 
ATOM   226 C CE1 . TYR A 1 39 ? -3.727  9.472   -14.000 1.00 20.37 ? 39  TYR A CE1 1 
ATOM   227 C CE2 . TYR A 1 39 ? -3.611  7.149   -14.607 1.00 21.80 ? 39  TYR A CE2 1 
ATOM   228 C CZ  . TYR A 1 39 ? -4.049  8.437   -14.870 1.00 27.84 ? 39  TYR A CZ  1 
ATOM   229 O OH  . TYR A 1 39 ? -4.880  8.658   -15.956 1.00 22.51 ? 39  TYR A OH  1 
ATOM   230 N N   . TRP A 1 40 ? -2.673  5.600   -8.660  1.00 24.93 ? 40  TRP A N   1 
ATOM   231 C CA  . TRP A 1 40 ? -2.226  4.782   -7.542  1.00 23.96 ? 40  TRP A CA  1 
ATOM   232 C C   . TRP A 1 40 ? -1.652  3.418   -7.922  1.00 27.45 ? 40  TRP A C   1 
ATOM   233 O O   . TRP A 1 40 ? -2.145  2.744   -8.842  1.00 19.55 ? 40  TRP A O   1 
ATOM   234 C CB  . TRP A 1 40 ? -3.399  4.542   -6.563  1.00 22.60 ? 40  TRP A CB  1 
ATOM   235 C CG  . TRP A 1 40 ? -3.948  5.794   -5.925  1.00 27.43 ? 40  TRP A CG  1 
ATOM   236 C CD1 . TRP A 1 40 ? -4.718  6.746   -6.521  1.00 20.65 ? 40  TRP A CD1 1 
ATOM   237 C CD2 . TRP A 1 40 ? -3.660  6.277   -4.608  1.00 25.40 ? 40  TRP A CD2 1 
ATOM   238 N NE1 . TRP A 1 40 ? -4.919  7.802   -5.664  1.00 27.04 ? 40  TRP A NE1 1 
ATOM   239 C CE2 . TRP A 1 40 ? -4.279  7.541   -4.483  1.00 27.81 ? 40  TRP A CE2 1 
ATOM   240 C CE3 . TRP A 1 40 ? -2.932  5.769   -3.528  1.00 25.44 ? 40  TRP A CE3 1 
ATOM   241 C CZ2 . TRP A 1 40 ? -4.195  8.313   -3.308  1.00 30.82 ? 40  TRP A CZ2 1 
ATOM   242 C CZ3 . TRP A 1 40 ? -2.846  6.535   -2.357  1.00 34.52 ? 40  TRP A CZ3 1 
ATOM   243 C CH2 . TRP A 1 40 ? -3.475  7.794   -2.262  1.00 27.46 ? 40  TRP A CH2 1 
ATOM   244 N N   . TYR A 1 41 ? -0.608  3.019   -7.200  1.00 20.34 ? 41  TYR A N   1 
ATOM   245 C CA  . TYR A 1 41 ? -0.039  1.694   -7.372  1.00 18.90 ? 41  TYR A CA  1 
ATOM   246 C C   . TYR A 1 41 ? -0.727  0.802   -6.342  1.00 21.55 ? 41  TYR A C   1 
ATOM   247 O O   . TYR A 1 41 ? -0.961  1.214   -5.198  1.00 20.10 ? 41  TYR A O   1 
ATOM   248 C CB  . TYR A 1 41 ? 1.460   1.653   -7.078  1.00 16.68 ? 41  TYR A CB  1 
ATOM   249 C CG  . TYR A 1 41 ? 2.323   2.228   -8.161  1.00 30.22 ? 41  TYR A CG  1 
ATOM   250 C CD1 . TYR A 1 41 ? 2.879   3.503   -8.029  1.00 29.30 ? 41  TYR A CD1 1 
ATOM   251 C CD2 . TYR A 1 41 ? 2.589   1.499   -9.321  1.00 23.05 ? 41  TYR A CD2 1 
ATOM   252 C CE1 . TYR A 1 41 ? 3.679   4.041   -9.025  1.00 23.88 ? 41  TYR A CE1 1 
ATOM   253 C CE2 . TYR A 1 41 ? 3.386   2.025   -10.320 1.00 26.23 ? 41  TYR A CE2 1 
ATOM   254 C CZ  . TYR A 1 41 ? 3.923   3.296   -10.166 1.00 25.85 ? 41  TYR A CZ  1 
ATOM   255 O OH  . TYR A 1 41 ? 4.674   3.834   -11.174 1.00 32.26 ? 41  TYR A OH  1 
ATOM   256 N N   . GLY A 1 42 ? -1.069  -0.404  -6.770  1.00 22.53 ? 42  GLY A N   1 
ATOM   257 C CA  . GLY A 1 42 ? -1.662  -1.382  -5.884  1.00 22.69 ? 42  GLY A CA  1 
ATOM   258 C C   . GLY A 1 42 ? -0.490  -2.324  -5.667  1.00 21.13 ? 42  GLY A C   1 
ATOM   259 O O   . GLY A 1 42 ? 0.127   -2.776  -6.633  1.00 20.25 ? 42  GLY A O   1 
ATOM   260 N N   . ILE A 1 43 ? -0.173  -2.632  -4.417  1.00 18.66 ? 43  ILE A N   1 
ATOM   261 C CA  . ILE A 1 43 ? 0.974   -3.475  -4.139  1.00 28.88 ? 43  ILE A CA  1 
ATOM   262 C C   . ILE A 1 43 ? 0.644   -4.600  -3.193  1.00 23.71 ? 43  ILE A C   1 
ATOM   263 O O   . ILE A 1 43 ? -0.126  -4.421  -2.262  1.00 26.79 ? 43  ILE A O   1 
ATOM   264 C CB  . ILE A 1 43 ? 2.126   -2.621  -3.539  1.00 33.68 ? 43  ILE A CB  1 
ATOM   265 C CG1 . ILE A 1 43 ? 2.544   -1.557  -4.545  1.00 31.57 ? 43  ILE A CG1 1 
ATOM   266 C CG2 . ILE A 1 43 ? 3.325   -3.497  -3.174  1.00 34.43 ? 43  ILE A CG2 1 
ATOM   267 C CD1 . ILE A 1 43 ? 2.840   -0.229  -3.916  1.00 35.40 ? 43  ILE A CD1 1 
ATOM   268 N N   . GLU A 1 44 ? 1.224   -5.762  -3.460  1.00 23.64 ? 44  GLU A N   1 
ATOM   269 C CA  . GLU A 1 44 ? 1.026   -6.941  -2.626  1.00 34.67 ? 44  GLU A CA  1 
ATOM   270 C C   . GLU A 1 44 ? 2.314   -7.120  -1.838  1.00 34.50 ? 44  GLU A C   1 
ATOM   271 O O   . GLU A 1 44 ? 3.371   -7.377  -2.411  1.00 35.37 ? 44  GLU A O   1 
ATOM   272 C CB  . GLU A 1 44 ? 0.780   -8.177  -3.491  1.00 27.02 ? 44  GLU A CB  1 
ATOM   273 C CG  . GLU A 1 44 ? 0.572   -9.448  -2.709  1.00 26.27 ? 44  GLU A CG  1 
ATOM   274 C CD  . GLU A 1 44 ? 0.419   -10.655 -3.618  1.00 37.43 ? 44  GLU A CD  1 
ATOM   275 O OE1 . GLU A 1 44 ? 0.028   -11.736 -3.124  1.00 39.73 ? 44  GLU A OE1 1 
ATOM   276 O OE2 . GLU A 1 44 ? 0.693   -10.526 -4.831  1.00 40.12 ? 44  GLU A OE2 1 
ATOM   277 N N   . LEU A 1 45 ? 2.228   -6.958  -0.526  1.00 38.97 ? 45  LEU A N   1 
ATOM   278 C CA  . LEU A 1 45 ? 3.402   -7.088  0.331   1.00 37.98 ? 45  LEU A CA  1 
ATOM   279 C C   . LEU A 1 45 ? 3.724   -8.554  0.559   1.00 39.07 ? 45  LEU A C   1 
ATOM   280 O O   . LEU A 1 45 ? 2.949   -9.438  0.199   1.00 36.00 ? 45  LEU A O   1 
ATOM   281 C CB  . LEU A 1 45 ? 3.137   -6.418  1.679   1.00 27.29 ? 45  LEU A CB  1 
ATOM   282 C CG  . LEU A 1 45 ? 2.675   -4.966  1.603   1.00 35.24 ? 45  LEU A CG  1 
ATOM   283 C CD1 . LEU A 1 45 ? 2.030   -4.568  2.909   1.00 32.45 ? 45  LEU A CD1 1 
ATOM   284 C CD2 . LEU A 1 45 ? 3.855   -4.065  1.268   1.00 32.83 ? 45  LEU A CD2 1 
ATOM   285 N N   . GLU A 1 46 ? 4.871   -8.807  1.169   1.00 46.34 ? 46  GLU A N   1 
ATOM   286 C CA  . GLU A 1 46 ? 5.273   -10.167 1.467   1.00 48.38 ? 46  GLU A CA  1 
ATOM   287 C C   . GLU A 1 46 ? 4.670   -10.623 2.781   1.00 48.59 ? 46  GLU A C   1 
ATOM   288 O O   . GLU A 1 46 ? 4.445   -11.820 2.974   1.00 45.62 ? 46  GLU A O   1 
ATOM   289 C CB  . GLU A 1 46 ? 6.785   -10.256 1.536   1.00 54.06 ? 46  GLU A CB  1 
ATOM   290 C CG  . GLU A 1 46 ? 7.419   -9.808  0.262   1.00 61.26 ? 46  GLU A CG  1 
ATOM   291 C CD  . GLU A 1 46 ? 8.746   -10.462 0.034   1.00 76.93 ? 46  GLU A CD  1 
ATOM   292 O OE1 . GLU A 1 46 ? 9.292   -10.306 -1.082  1.00 84.85 ? 46  GLU A OE1 1 
ATOM   293 O OE2 . GLU A 1 46 ? 9.241   -11.131 0.972   1.00 79.18 ? 46  GLU A OE2 1 
ATOM   294 N N   . LYS A 1 47 ? 4.395   -9.664  3.670   1.00 50.08 ? 47  LYS A N   1 
ATOM   295 C CA  . LYS A 1 47 ? 3.815   -9.961  4.987   1.00 54.45 ? 47  LYS A CA  1 
ATOM   296 C C   . LYS A 1 47 ? 2.462   -9.303  5.191   1.00 51.59 ? 47  LYS A C   1 
ATOM   297 O O   . LYS A 1 47 ? 2.147   -8.308  4.550   1.00 51.64 ? 47  LYS A O   1 
ATOM   298 C CB  . LYS A 1 47 ? 4.757   -9.506  6.097   1.00 51.76 ? 47  LYS A CB  1 
ATOM   299 C CG  . LYS A 1 47 ? 6.096   -10.186 6.050   1.00 59.18 ? 47  LYS A CG  1 
ATOM   300 C CD  . LYS A 1 47 ? 7.083   -9.476  6.939   1.00 71.74 ? 47  LYS A CD  1 
ATOM   301 C CE  . LYS A 1 47 ? 8.428   -10.174 6.924   1.00 74.48 ? 47  LYS A CE  1 
ATOM   302 N NZ  . LYS A 1 47 ? 9.372   -9.439  7.801   1.00 79.34 ? 47  LYS A NZ  1 
ATOM   303 N N   . PRO A 1 48 ? 1.643   -9.859  6.098   1.00 52.27 ? 48  PRO A N   1 
ATOM   304 C CA  . PRO A 1 48 ? 0.304   -9.339  6.405   1.00 47.72 ? 48  PRO A CA  1 
ATOM   305 C C   . PRO A 1 48 ? 0.327   -7.961  7.065   1.00 49.86 ? 48  PRO A C   1 
ATOM   306 O O   . PRO A 1 48 ? -0.367  -7.733  8.061   1.00 47.67 ? 48  PRO A O   1 
ATOM   307 C CB  . PRO A 1 48 ? -0.275  -10.397 7.338   1.00 50.33 ? 48  PRO A CB  1 
ATOM   308 C CG  . PRO A 1 48 ? 0.478   -11.647 6.972   1.00 51.53 ? 48  PRO A CG  1 
ATOM   309 C CD  . PRO A 1 48 ? 1.877   -11.136 6.794   1.00 51.20 ? 48  PRO A CD  1 
ATOM   310 N N   . HIS A 1 49 ? 1.115   -7.045  6.506   1.00 44.14 ? 49  HIS A N   1 
ATOM   311 C CA  . HIS A 1 49 ? 1.216   -5.699  7.056   1.00 44.82 ? 49  HIS A CA  1 
ATOM   312 C C   . HIS A 1 49 ? 0.444   -4.699  6.203   1.00 44.34 ? 49  HIS A C   1 
ATOM   313 O O   . HIS A 1 49 ? 0.602   -3.492  6.366   1.00 45.34 ? 49  HIS A O   1 
ATOM   314 C CB  . HIS A 1 49 ? 2.686   -5.276  7.139   1.00 44.25 ? 49  HIS A CB  1 
ATOM   315 C CG  . HIS A 1 49 ? 3.519   -6.135  8.047   1.00 55.11 ? 49  HIS A CG  1 
ATOM   316 N ND1 . HIS A 1 49 ? 3.129   -7.395  8.455   1.00 51.19 ? 49  HIS A ND1 1 
ATOM   317 C CD2 . HIS A 1 49 ? 4.747   -5.929  8.582   1.00 48.24 ? 49  HIS A CD2 1 
ATOM   318 C CE1 . HIS A 1 49 ? 4.082   -7.930  9.199   1.00 51.37 ? 49  HIS A CE1 1 
ATOM   319 N NE2 . HIS A 1 49 ? 5.074   -7.062  9.291   1.00 56.14 ? 49  HIS A NE2 1 
ATOM   320 N N   . GLY A 1 50 ? -0.391  -5.206  5.297   1.00 47.96 ? 50  GLY A N   1 
ATOM   321 C CA  . GLY A 1 50 ? -1.170  -4.348  4.411   1.00 45.69 ? 50  GLY A CA  1 
ATOM   322 C C   . GLY A 1 50 ? -2.545  -4.013  4.948   1.00 43.81 ? 50  GLY A C   1 
ATOM   323 O O   . GLY A 1 50 ? -2.863  -4.380  6.073   1.00 47.70 ? 50  GLY A O   1 
ATOM   324 N N   . LYS A 1 51 ? -3.364  -3.334  4.146   1.00 47.94 ? 51  LYS A N   1 
ATOM   325 C CA  . LYS A 1 51 ? -4.703  -2.933  4.581   1.00 47.42 ? 51  LYS A CA  1 
ATOM   326 C C   . LYS A 1 51 ? -5.870  -3.544  3.814   1.00 43.52 ? 51  LYS A C   1 
ATOM   327 O O   . LYS A 1 51 ? -7.015  -3.357  4.198   1.00 48.47 ? 51  LYS A O   1 
ATOM   328 C CB  . LYS A 1 51 ? -4.846  -1.408  4.520   1.00 51.20 ? 51  LYS A CB  1 
ATOM   329 C CG  . LYS A 1 51 ? -3.721  -0.633  5.201   1.00 62.45 ? 51  LYS A CG  1 
ATOM   330 C CD  . LYS A 1 51 ? -3.930  0.876   5.081   1.00 70.87 ? 51  LYS A CD  1 
ATOM   331 C CE  . LYS A 1 51 ? -2.728  1.660   5.615   1.00 81.38 ? 51  LYS A CE  1 
ATOM   332 N NZ  . LYS A 1 51 ? -2.896  3.145   5.505   1.00 75.17 ? 51  LYS A NZ  1 
ATOM   333 N N   . ASN A 1 52 ? -5.610  -4.285  2.746   1.00 37.16 ? 52  ASN A N   1 
ATOM   334 C CA  . ASN A 1 52 ? -6.720  -4.841  1.994   1.00 28.07 ? 52  ASN A CA  1 
ATOM   335 C C   . ASN A 1 52 ? -6.342  -6.046  1.127   1.00 31.39 ? 52  ASN A C   1 
ATOM   336 O O   . ASN A 1 52 ? -5.180  -6.466  1.106   1.00 26.44 ? 52  ASN A O   1 
ATOM   337 C CB  . ASN A 1 52 ? -7.306  -3.740  1.119   1.00 20.82 ? 52  ASN A CB  1 
ATOM   338 C CG  . ASN A 1 52 ? -6.264  -3.124  0.209   1.00 34.53 ? 52  ASN A CG  1 
ATOM   339 O OD1 . ASN A 1 52 ? -5.739  -3.792  -0.690  1.00 22.21 ? 52  ASN A OD1 1 
ATOM   340 N ND2 . ASN A 1 52 ? -5.933  -1.850  0.454   1.00 31.54 ? 52  ASN A ND2 1 
ATOM   341 N N   . ASP A 1 53 ? -7.330  -6.582  0.401   1.00 27.25 ? 53  ASP A N   1 
ATOM   342 C CA  . ASP A 1 53 ? -7.132  -7.747  -0.474  1.00 28.44 ? 53  ASP A CA  1 
ATOM   343 C C   . ASP A 1 53 ? -7.115  -7.341  -1.963  1.00 33.17 ? 53  ASP A C   1 
ATOM   344 O O   . ASP A 1 53 ? -7.367  -8.165  -2.848  1.00 29.45 ? 53  ASP A O   1 
ATOM   345 C CB  . ASP A 1 53 ? -8.256  -8.767  -0.235  1.00 26.14 ? 53  ASP A CB  1 
ATOM   346 C CG  . ASP A 1 53 ? -9.642  -8.229  -0.631  1.00 34.18 ? 53  ASP A CG  1 
ATOM   347 O OD1 . ASP A 1 53 ? -9.746  -7.028  -0.950  1.00 27.99 ? 53  ASP A OD1 1 
ATOM   348 O OD2 . ASP A 1 53 ? -10.630 -9.003  -0.616  1.00 34.63 ? 53  ASP A OD2 1 
ATOM   349 N N   . GLY A 1 54 ? -6.825  -6.069  -2.231  1.00 23.34 ? 54  GLY A N   1 
ATOM   350 C CA  . GLY A 1 54 ? -6.790  -5.595  -3.603  1.00 29.32 ? 54  GLY A CA  1 
ATOM   351 C C   . GLY A 1 54 ? -8.035  -4.802  -3.965  1.00 26.77 ? 54  GLY A C   1 
ATOM   352 O O   . GLY A 1 54 ? -8.167  -4.282  -5.075  1.00 30.26 ? 54  GLY A O   1 
ATOM   353 N N   . SER A 1 55 ? -8.965  -4.720  -3.027  1.00 24.73 ? 55  SER A N   1 
ATOM   354 C CA  . SER A 1 55 ? -10.183 -3.975  -3.249  1.00 27.43 ? 55  SER A CA  1 
ATOM   355 C C   . SER A 1 55 ? -10.339 -2.981  -2.118  1.00 30.17 ? 55  SER A C   1 
ATOM   356 O O   . SER A 1 55 ? -9.747  -3.127  -1.050  1.00 33.45 ? 55  SER A O   1 
ATOM   357 C CB  . SER A 1 55 ? -11.398 -4.912  -3.294  1.00 27.89 ? 55  SER A CB  1 
ATOM   358 O OG  . SER A 1 55 ? -11.559 -5.602  -2.059  1.00 31.23 ? 55  SER A OG  1 
ATOM   359 N N   . VAL A 1 56 ? -11.133 -1.956  -2.371  1.00 29.12 ? 56  VAL A N   1 
ATOM   360 C CA  . VAL A 1 56 ? -11.385 -0.941  -1.383  1.00 29.94 ? 56  VAL A CA  1 
ATOM   361 C C   . VAL A 1 56 ? -12.862 -0.620  -1.487  1.00 34.77 ? 56  VAL A C   1 
ATOM   362 O O   . VAL A 1 56 ? -13.359 -0.280  -2.571  1.00 29.69 ? 56  VAL A O   1 
ATOM   363 C CB  . VAL A 1 56 ? -10.530 0.332   -1.649  1.00 36.72 ? 56  VAL A CB  1 
ATOM   364 C CG1 . VAL A 1 56 ? -10.967 1.467   -0.720  1.00 29.38 ? 56  VAL A CG1 1 
ATOM   365 C CG2 . VAL A 1 56 ? -9.046  0.023   -1.415  1.00 25.79 ? 56  VAL A CG2 1 
ATOM   366 N N   . GLY A 1 57 ? -13.565 -0.769  -0.365  1.00 32.74 ? 57  GLY A N   1 
ATOM   367 C CA  . GLY A 1 57 ? -14.990 -0.484  -0.324  1.00 30.81 ? 57  GLY A CA  1 
ATOM   368 C C   . GLY A 1 57 ? -15.812 -1.296  -1.300  1.00 32.54 ? 57  GLY A C   1 
ATOM   369 O O   . GLY A 1 57 ? -16.836 -0.827  -1.795  1.00 32.27 ? 57  GLY A O   1 
ATOM   370 N N   . GLY A 1 58 ? -15.349 -2.515  -1.573  1.00 30.36 ? 58  GLY A N   1 
ATOM   371 C CA  . GLY A 1 58 ? -16.031 -3.395  -2.497  1.00 23.32 ? 58  GLY A CA  1 
ATOM   372 C C   . GLY A 1 58 ? -15.547 -3.296  -3.933  1.00 32.74 ? 58  GLY A C   1 
ATOM   373 O O   . GLY A 1 58 ? -15.795 -4.196  -4.736  1.00 33.57 ? 58  GLY A O   1 
ATOM   374 N N   . VAL A 1 59 ? -14.845 -2.217  -4.263  1.00 32.01 ? 59  VAL A N   1 
ATOM   375 C CA  . VAL A 1 59 ? -14.358 -2.006  -5.623  1.00 31.59 ? 59  VAL A CA  1 
ATOM   376 C C   . VAL A 1 59 ? -12.991 -2.677  -5.789  1.00 37.26 ? 59  VAL A C   1 
ATOM   377 O O   . VAL A 1 59 ? -12.040 -2.335  -5.077  1.00 35.77 ? 59  VAL A O   1 
ATOM   378 C CB  . VAL A 1 59 ? -14.267 -0.488  -5.916  1.00 35.35 ? 59  VAL A CB  1 
ATOM   379 C CG1 . VAL A 1 59 ? -13.934 -0.232  -7.373  1.00 20.99 ? 59  VAL A CG1 1 
ATOM   380 C CG2 . VAL A 1 59 ? -15.591 0.180   -5.543  1.00 34.55 ? 59  VAL A CG2 1 
ATOM   381 N N   . GLN A 1 60 ? -12.900 -3.638  -6.719  1.00 32.49 ? 60  GLN A N   1 
ATOM   382 C CA  . GLN A 1 60 ? -11.641 -4.361  -6.948  1.00 31.39 ? 60  GLN A CA  1 
ATOM   383 C C   . GLN A 1 60 ? -10.728 -3.690  -7.957  1.00 32.35 ? 60  GLN A C   1 
ATOM   384 O O   . GLN A 1 60 ? -11.192 -3.175  -8.984  1.00 26.81 ? 60  GLN A O   1 
ATOM   385 C CB  . GLN A 1 60 ? -11.879 -5.789  -7.464  1.00 31.65 ? 60  GLN A CB  1 
ATOM   386 C CG  . GLN A 1 60 ? -12.737 -6.693  -6.605  1.00 29.30 ? 60  GLN A CG  1 
ATOM   387 C CD  . GLN A 1 60 ? -12.724 -8.136  -7.099  1.00 31.31 ? 60  GLN A CD  1 
ATOM   388 O OE1 . GLN A 1 60 ? -13.673 -8.884  -6.887  1.00 38.14 ? 60  GLN A OE1 1 
ATOM   389 N NE2 . GLN A 1 60 ? -11.640 -8.530  -7.750  1.00 27.71 ? 60  GLN A NE2 1 
ATOM   390 N N   . TYR A 1 61 ? -9.427  -3.737  -7.664  1.00 24.18 ? 61  TYR A N   1 
ATOM   391 C CA  . TYR A 1 61 ? -8.393  -3.175  -8.538  1.00 30.71 ? 61  TYR A CA  1 
ATOM   392 C C   . TYR A 1 61 ? -7.397  -4.290  -8.912  1.00 31.77 ? 61  TYR A C   1 
ATOM   393 O O   . TYR A 1 61 ? -6.975  -4.417  -10.067 1.00 26.99 ? 61  TYR A O   1 
ATOM   394 C CB  . TYR A 1 61 ? -7.689  -1.998  -7.849  1.00 23.12 ? 61  TYR A CB  1 
ATOM   395 C CG  . TYR A 1 61 ? -8.654  -0.895  -7.483  1.00 26.33 ? 61  TYR A CG  1 
ATOM   396 C CD1 . TYR A 1 61 ? -9.198  -0.803  -6.198  1.00 28.32 ? 61  TYR A CD1 1 
ATOM   397 C CD2 . TYR A 1 61 ? -9.044  0.047   -8.423  1.00 24.99 ? 61  TYR A CD2 1 
ATOM   398 C CE1 . TYR A 1 61 ? -10.112 0.213   -5.867  1.00 20.79 ? 61  TYR A CE1 1 
ATOM   399 C CE2 . TYR A 1 61 ? -9.948  1.058   -8.105  1.00 21.47 ? 61  TYR A CE2 1 
ATOM   400 C CZ  . TYR A 1 61 ? -10.479 1.139   -6.827  1.00 23.42 ? 61  TYR A CZ  1 
ATOM   401 O OH  . TYR A 1 61 ? -11.366 2.157   -6.528  1.00 26.19 ? 61  TYR A OH  1 
ATOM   402 N N   . PHE A 1 62 ? -7.012  -5.088  -7.924  1.00 28.20 ? 62  PHE A N   1 
ATOM   403 C CA  . PHE A 1 62 ? -6.145  -6.235  -8.165  1.00 32.02 ? 62  PHE A CA  1 
ATOM   404 C C   . PHE A 1 62 ? -6.605  -7.252  -7.125  1.00 31.16 ? 62  PHE A C   1 
ATOM   405 O O   . PHE A 1 62 ? -7.478  -6.937  -6.318  1.00 27.04 ? 62  PHE A O   1 
ATOM   406 C CB  . PHE A 1 62 ? -4.641  -5.880  -8.046  1.00 26.77 ? 62  PHE A CB  1 
ATOM   407 C CG  . PHE A 1 62 ? -4.158  -5.620  -6.645  1.00 27.33 ? 62  PHE A CG  1 
ATOM   408 C CD1 . PHE A 1 62 ? -4.073  -4.311  -6.147  1.00 30.05 ? 62  PHE A CD1 1 
ATOM   409 C CD2 . PHE A 1 62 ? -3.728  -6.679  -5.837  1.00 31.81 ? 62  PHE A CD2 1 
ATOM   410 C CE1 . PHE A 1 62 ? -3.559  -4.058  -4.863  1.00 22.23 ? 62  PHE A CE1 1 
ATOM   411 C CE2 . PHE A 1 62 ? -3.213  -6.445  -4.551  1.00 26.99 ? 62  PHE A CE2 1 
ATOM   412 C CZ  . PHE A 1 62 ? -3.126  -5.127  -4.063  1.00 27.01 ? 62  PHE A CZ  1 
ATOM   413 N N   . SER A 1 63 ? -6.054  -8.459  -7.126  1.00 31.59 ? 63  SER A N   1 
ATOM   414 C CA  . SER A 1 63 ? -6.520  -9.451  -6.160  1.00 29.32 ? 63  SER A CA  1 
ATOM   415 C C   . SER A 1 63 ? -5.386  -10.158 -5.429  1.00 31.29 ? 63  SER A C   1 
ATOM   416 O O   . SER A 1 63 ? -4.478  -10.681 -6.060  1.00 29.64 ? 63  SER A O   1 
ATOM   417 C CB  . SER A 1 63 ? -7.393  -10.472 -6.880  1.00 32.00 ? 63  SER A CB  1 
ATOM   418 O OG  . SER A 1 63 ? -7.996  -11.363 -5.976  1.00 34.98 ? 63  SER A OG  1 
ATOM   419 N N   . CYS A 1 64 ? -5.435  -10.153 -4.096  1.00 32.48 ? 64  CYS A N   1 
ATOM   420 C CA  . CYS A 1 64 ? -4.419  -10.808 -3.275  1.00 29.83 ? 64  CYS A CA  1 
ATOM   421 C C   . CYS A 1 64 ? -5.053  -11.195 -1.952  1.00 34.05 ? 64  CYS A C   1 
ATOM   422 O O   . CYS A 1 64 ? -6.219  -10.875 -1.711  1.00 29.53 ? 64  CYS A O   1 
ATOM   423 C CB  . CYS A 1 64 ? -3.243  -9.871  -3.010  1.00 32.33 ? 64  CYS A CB  1 
ATOM   424 S SG  . CYS A 1 64 ? -3.623  -8.513  -1.899  1.00 32.80 ? 64  CYS A SG  1 
ATOM   425 N N   . SER A 1 65 ? -4.297  -11.884 -1.095  1.00 33.22 ? 65  SER A N   1 
ATOM   426 C CA  . SER A 1 65 ? -4.831  -12.298 0.207   1.00 34.88 ? 65  SER A CA  1 
ATOM   427 C C   . SER A 1 65 ? -5.028  -11.106 1.132   1.00 32.18 ? 65  SER A C   1 
ATOM   428 O O   . SER A 1 65 ? -4.234  -10.172 1.130   1.00 25.87 ? 65  SER A O   1 
ATOM   429 C CB  . SER A 1 65 ? -3.906  -13.299 0.897   1.00 31.64 ? 65  SER A CB  1 
ATOM   430 O OG  . SER A 1 65 ? -3.856  -14.515 0.181   1.00 40.47 ? 65  SER A OG  1 
ATOM   431 N N   . PRO A 1 66 ? -6.081  -11.150 1.960   1.00 32.63 ? 66  PRO A N   1 
ATOM   432 C CA  . PRO A 1 66 ? -6.408  -10.083 2.906   1.00 33.75 ? 66  PRO A CA  1 
ATOM   433 C C   . PRO A 1 66 ? -5.185  -9.668  3.693   1.00 39.34 ? 66  PRO A C   1 
ATOM   434 O O   . PRO A 1 66 ? -4.370  -10.509 4.052   1.00 38.65 ? 66  PRO A O   1 
ATOM   435 C CB  . PRO A 1 66 ? -7.469  -10.727 3.802   1.00 37.68 ? 66  PRO A CB  1 
ATOM   436 C CG  . PRO A 1 66 ? -8.151  -11.705 2.862   1.00 31.78 ? 66  PRO A CG  1 
ATOM   437 C CD  . PRO A 1 66 ? -6.975  -12.311 2.143   1.00 32.49 ? 66  PRO A CD  1 
ATOM   438 N N   . ARG A 1 67 ? -5.054  -8.367  3.935   1.00 38.15 ? 67  ARG A N   1 
ATOM   439 C CA  . ARG A 1 67 ? -3.943  -7.815  4.705   1.00 46.60 ? 67  ARG A CA  1 
ATOM   440 C C   . ARG A 1 67 ? -2.610  -7.699  3.990   1.00 44.07 ? 67  ARG A C   1 
ATOM   441 O O   . ARG A 1 67 ? -1.698  -7.070  4.522   1.00 42.26 ? 67  ARG A O   1 
ATOM   442 C CB  . ARG A 1 67 ? -3.724  -8.616  5.995   1.00 56.26 ? 67  ARG A CB  1 
ATOM   443 C CG  . ARG A 1 67 ? -4.964  -8.789  6.857   1.00 63.33 ? 67  ARG A CG  1 
ATOM   444 C CD  . ARG A 1 67 ? -4.626  -9.583  8.115   1.00 78.16 ? 67  ARG A CD  1 
ATOM   445 N NE  . ARG A 1 67 ? -5.781  -10.311 8.641   1.00 87.29 ? 67  ARG A NE  1 
ATOM   446 C CZ  . ARG A 1 67 ? -5.730  -11.142 9.680   1.00 91.46 ? 67  ARG A CZ  1 
ATOM   447 N NH1 . ARG A 1 67 ? -4.577  -11.351 10.310  1.00 93.08 ? 67  ARG A NH1 1 
ATOM   448 N NH2 . ARG A 1 67 ? -6.830  -11.767 10.085  1.00 90.81 ? 67  ARG A NH2 1 
ATOM   449 N N   . TYR A 1 68 ? -2.468  -8.309  2.813   1.00 39.97 ? 68  TYR A N   1 
ATOM   450 C CA  . TYR A 1 68 ? -1.196  -8.224  2.072   1.00 33.31 ? 68  TYR A CA  1 
ATOM   451 C C   . TYR A 1 68 ? -1.273  -7.141  1.014   1.00 33.67 ? 68  TYR A C   1 
ATOM   452 O O   . TYR A 1 68 ? -0.266  -6.786  0.394   1.00 31.85 ? 68  TYR A O   1 
ATOM   453 C CB  . TYR A 1 68 ? -0.880  -9.538  1.362   1.00 29.54 ? 68  TYR A CB  1 
ATOM   454 C CG  . TYR A 1 68 ? -0.401  -10.662 2.249   1.00 37.37 ? 68  TYR A CG  1 
ATOM   455 C CD1 . TYR A 1 68 ? 0.963   -10.942 2.374   1.00 32.88 ? 68  TYR A CD1 1 
ATOM   456 C CD2 . TYR A 1 68 ? -1.309  -11.468 2.936   1.00 35.61 ? 68  TYR A CD2 1 
ATOM   457 C CE1 . TYR A 1 68 ? 1.411   -11.991 3.148   1.00 40.53 ? 68  TYR A CE1 1 
ATOM   458 C CE2 . TYR A 1 68 ? -0.870  -12.527 3.724   1.00 42.38 ? 68  TYR A CE2 1 
ATOM   459 C CZ  . TYR A 1 68 ? 0.494   -12.784 3.826   1.00 42.57 ? 68  TYR A CZ  1 
ATOM   460 O OH  . TYR A 1 68 ? 0.942   -13.813 4.620   1.00 41.81 ? 68  TYR A OH  1 
ATOM   461 N N   . GLY A 1 69 ? -2.482  -6.631  0.803   1.00 31.24 ? 69  GLY A N   1 
ATOM   462 C CA  . GLY A 1 69 ? -2.690  -5.617  -0.210  1.00 32.75 ? 69  GLY A CA  1 
ATOM   463 C C   . GLY A 1 69 ? -2.599  -4.195  0.278   1.00 32.67 ? 69  GLY A C   1 
ATOM   464 O O   . GLY A 1 69 ? -3.080  -3.864  1.359   1.00 38.32 ? 69  GLY A O   1 
ATOM   465 N N   . ILE A 1 70 ? -1.997  -3.339  -0.535  1.00 32.78 ? 70  ILE A N   1 
ATOM   466 C CA  . ILE A 1 70 ? -1.862  -1.948  -0.155  1.00 33.22 ? 70  ILE A CA  1 
ATOM   467 C C   . ILE A 1 70 ? -1.863  -1.046  -1.386  1.00 29.76 ? 70  ILE A C   1 
ATOM   468 O O   . ILE A 1 70 ? -1.582  -1.504  -2.499  1.00 33.12 ? 70  ILE A O   1 
ATOM   469 C CB  . ILE A 1 70 ? -0.553  -1.772  0.658   1.00 38.91 ? 70  ILE A CB  1 
ATOM   470 C CG1 . ILE A 1 70 ? -0.738  -0.674  1.692   1.00 34.56 ? 70  ILE A CG1 1 
ATOM   471 C CG2 . ILE A 1 70 ? 0.633   -1.463  -0.272  1.00 32.54 ? 70  ILE A CG2 1 
ATOM   472 C CD1 . ILE A 1 70 ? 0.234   -0.783  2.832   1.00 59.67 ? 70  ILE A CD1 1 
ATOM   473 N N   . PHE A 1 71 ? -2.210  0.222   -1.197  1.00 27.21 ? 71  PHE A N   1 
ATOM   474 C CA  . PHE A 1 71 ? -2.211  1.189   -2.299  1.00 26.09 ? 71  PHE A CA  1 
ATOM   475 C C   . PHE A 1 71 ? -1.373  2.385   -1.894  1.00 27.27 ? 71  PHE A C   1 
ATOM   476 O O   . PHE A 1 71 ? -1.445  2.850   -0.756  1.00 31.62 ? 71  PHE A O   1 
ATOM   477 C CB  . PHE A 1 71 ? -3.626  1.667   -2.640  1.00 24.38 ? 71  PHE A CB  1 
ATOM   478 C CG  . PHE A 1 71 ? -4.480  0.620   -3.291  1.00 27.63 ? 71  PHE A CG  1 
ATOM   479 C CD1 . PHE A 1 71 ? -5.288  -0.220  -2.527  1.00 23.34 ? 71  PHE A CD1 1 
ATOM   480 C CD2 . PHE A 1 71 ? -4.466  0.460   -4.675  1.00 23.92 ? 71  PHE A CD2 1 
ATOM   481 C CE1 . PHE A 1 71 ? -6.067  -1.200  -3.134  1.00 28.99 ? 71  PHE A CE1 1 
ATOM   482 C CE2 . PHE A 1 71 ? -5.235  -0.514  -5.283  1.00 17.29 ? 71  PHE A CE2 1 
ATOM   483 C CZ  . PHE A 1 71 ? -6.039  -1.346  -4.519  1.00 28.77 ? 71  PHE A CZ  1 
ATOM   484 N N   . ALA A 1 72 ? -0.585  2.895   -2.830  1.00 33.41 ? 72  ALA A N   1 
ATOM   485 C CA  . ALA A 1 72 ? 0.277   4.033   -2.544  1.00 27.47 ? 72  ALA A CA  1 
ATOM   486 C C   . ALA A 1 72 ? 0.516   4.876   -3.779  1.00 26.17 ? 72  ALA A C   1 
ATOM   487 O O   . ALA A 1 72 ? 0.585   4.360   -4.892  1.00 29.00 ? 72  ALA A O   1 
ATOM   488 C CB  . ALA A 1 72 ? 1.614   3.537   -1.998  1.00 31.86 ? 72  ALA A CB  1 
ATOM   489 N N   . PRO A 1 73 ? 0.666   6.190   -3.589  1.00 28.27 ? 73  PRO A N   1 
ATOM   490 C CA  . PRO A 1 73 ? 0.906   7.128   -4.692  1.00 23.60 ? 73  PRO A CA  1 
ATOM   491 C C   . PRO A 1 73 ? 2.354   6.991   -5.219  1.00 29.43 ? 73  PRO A C   1 
ATOM   492 O O   . PRO A 1 73 ? 3.245   6.476   -4.522  1.00 23.43 ? 73  PRO A O   1 
ATOM   493 C CB  . PRO A 1 73 ? 0.636   8.485   -4.042  1.00 23.25 ? 73  PRO A CB  1 
ATOM   494 C CG  . PRO A 1 73 ? 1.196   8.262   -2.620  1.00 28.29 ? 73  PRO A CG  1 
ATOM   495 C CD  . PRO A 1 73 ? 0.722   6.863   -2.270  1.00 21.57 ? 73  PRO A CD  1 
ATOM   496 N N   . PRO A 1 74 ? 2.603   7.446   -6.459  1.00 24.81 ? 74  PRO A N   1 
ATOM   497 C CA  . PRO A 1 74 ? 3.966   7.329   -6.993  1.00 28.15 ? 74  PRO A CA  1 
ATOM   498 C C   . PRO A 1 74 ? 5.076   7.867   -6.080  1.00 30.12 ? 74  PRO A C   1 
ATOM   499 O O   . PRO A 1 74 ? 6.169   7.296   -6.005  1.00 25.40 ? 74  PRO A O   1 
ATOM   500 C CB  . PRO A 1 74 ? 3.898   8.069   -8.348  1.00 26.46 ? 74  PRO A CB  1 
ATOM   501 C CG  . PRO A 1 74 ? 2.480   8.465   -8.548  1.00 27.82 ? 74  PRO A CG  1 
ATOM   502 C CD  . PRO A 1 74 ? 1.631   7.732   -7.526  1.00 22.62 ? 74  PRO A CD  1 
ATOM   503 N N   . SER A 1 75 ? 4.788   8.948   -5.369  1.00 31.53 ? 75  SER A N   1 
ATOM   504 C CA  . SER A 1 75 ? 5.776   9.549   -4.478  1.00 30.01 ? 75  SER A CA  1 
ATOM   505 C C   . SER A 1 75 ? 6.219   8.638   -3.316  1.00 33.63 ? 75  SER A C   1 
ATOM   506 O O   . SER A 1 75 ? 7.225   8.920   -2.664  1.00 32.05 ? 75  SER A O   1 
ATOM   507 C CB  . SER A 1 75 ? 5.240   10.871  -3.901  1.00 26.07 ? 75  SER A CB  1 
ATOM   508 O OG  . SER A 1 75 ? 4.221   10.651  -2.931  1.00 20.41 ? 75  SER A OG  1 
ATOM   509 N N   . ARG A 1 76 ? 5.492   7.555   -3.044  1.00 24.57 ? 76  ARG A N   1 
ATOM   510 C CA  . ARG A 1 76 ? 5.884   6.687   -1.931  1.00 28.46 ? 76  ARG A CA  1 
ATOM   511 C C   . ARG A 1 76 ? 6.320   5.301   -2.383  1.00 34.80 ? 76  ARG A C   1 
ATOM   512 O O   . ARG A 1 76 ? 6.463   4.388   -1.561  1.00 30.37 ? 76  ARG A O   1 
ATOM   513 C CB  . ARG A 1 76 ? 4.745   6.539   -0.911  1.00 24.22 ? 76  ARG A CB  1 
ATOM   514 C CG  . ARG A 1 76 ? 4.440   7.792   -0.092  1.00 30.69 ? 76  ARG A CG  1 
ATOM   515 C CD  . ARG A 1 76 ? 3.570   7.465   1.141   1.00 48.00 ? 76  ARG A CD  1 
ATOM   516 N NE  . ARG A 1 76 ? 2.203   7.030   0.831   1.00 48.11 ? 76  ARG A NE  1 
ATOM   517 C CZ  . ARG A 1 76 ? 1.666   5.872   1.224   1.00 52.62 ? 76  ARG A CZ  1 
ATOM   518 N NH1 . ARG A 1 76 ? 2.381   5.012   1.943   1.00 48.62 ? 76  ARG A NH1 1 
ATOM   519 N NH2 . ARG A 1 76 ? 0.401   5.578   0.917   1.00 51.13 ? 76  ARG A NH2 1 
ATOM   520 N N   . VAL A 1 77 ? 6.543   5.149   -3.686  1.00 31.04 ? 77  VAL A N   1 
ATOM   521 C CA  . VAL A 1 77 ? 6.943   3.864   -4.227  1.00 29.83 ? 77  VAL A CA  1 
ATOM   522 C C   . VAL A 1 77 ? 8.280   3.995   -4.926  1.00 33.20 ? 77  VAL A C   1 
ATOM   523 O O   . VAL A 1 77 ? 8.473   4.876   -5.764  1.00 32.23 ? 77  VAL A O   1 
ATOM   524 C CB  . VAL A 1 77 ? 5.877   3.340   -5.214  1.00 31.94 ? 77  VAL A CB  1 
ATOM   525 C CG1 . VAL A 1 77 ? 6.352   2.071   -5.867  1.00 27.17 ? 77  VAL A CG1 1 
ATOM   526 C CG2 . VAL A 1 77 ? 4.575   3.095   -4.482  1.00 25.07 ? 77  VAL A CG2 1 
ATOM   527 N N   . GLN A 1 78 ? 9.212   3.117   -4.580  1.00 39.64 ? 78  GLN A N   1 
ATOM   528 C CA  . GLN A 1 78 ? 10.543  3.183   -5.177  1.00 48.28 ? 78  GLN A CA  1 
ATOM   529 C C   . GLN A 1 78 ? 11.088  1.799   -5.487  1.00 47.00 ? 78  GLN A C   1 
ATOM   530 O O   . GLN A 1 78 ? 10.813  0.838   -4.757  1.00 51.14 ? 78  GLN A O   1 
ATOM   531 C CB  . GLN A 1 78 ? 11.485  3.925   -4.229  1.00 49.07 ? 78  GLN A CB  1 
ATOM   532 C CG  . GLN A 1 78 ? 12.590  4.674   -4.945  1.00 70.64 ? 78  GLN A CG  1 
ATOM   533 C CD  . GLN A 1 78 ? 13.167  5.795   -4.101  1.00 75.08 ? 78  GLN A CD  1 
ATOM   534 O OE1 . GLN A 1 78 ? 13.655  5.561   -2.996  1.00 73.85 ? 78  GLN A OE1 1 
ATOM   535 N NE2 . GLN A 1 78 ? 13.112  7.022   -4.619  1.00 77.79 ? 78  GLN A NE2 1 
ATOM   536 N N   . ARG A 1 79 ? 11.859  1.690   -6.563  1.00 43.85 ? 79  ARG A N   1 
ATOM   537 C CA  . ARG A 1 79 ? 12.423  0.393   -6.931  1.00 53.57 ? 79  ARG A CA  1 
ATOM   538 C C   . ARG A 1 79 ? 13.497  -0.026  -5.923  1.00 50.12 ? 79  ARG A C   1 
ATOM   539 O O   . ARG A 1 79 ? 14.241  0.814   -5.412  1.00 48.85 ? 79  ARG A O   1 
ATOM   540 C CB  . ARG A 1 79 ? 13.026  0.431   -8.343  1.00 63.94 ? 79  ARG A CB  1 
ATOM   541 C CG  . ARG A 1 79 ? 12.840  -0.881  -9.126  1.00 76.47 ? 79  ARG A CG  1 
ATOM   542 C CD  . ARG A 1 79 ? 13.386  -2.090  -8.353  1.00 81.74 ? 79  ARG A CD  1 
ATOM   543 N NE  . ARG A 1 79 ? 12.855  -3.366  -8.828  1.00 86.55 ? 79  ARG A NE  1 
ATOM   544 C CZ  . ARG A 1 79 ? 13.061  -3.873  -10.043 1.00 89.99 ? 79  ARG A CZ  1 
ATOM   545 N NH1 . ARG A 1 79 ? 13.796  -3.215  -10.936 1.00 86.75 ? 79  ARG A NH1 1 
ATOM   546 N NH2 . ARG A 1 79 ? 12.529  -5.048  -10.365 1.00 88.44 ? 79  ARG A NH2 1 
ATOM   547 N N   . VAL A 1 80 ? 13.566  -1.325  -5.634  1.00 48.43 ? 80  VAL A N   1 
ATOM   548 C CA  . VAL A 1 80 ? 14.542  -1.850  -4.684  1.00 47.72 ? 80  VAL A CA  1 
ATOM   549 C C   . VAL A 1 80 ? 15.953  -1.452  -5.086  1.00 50.78 ? 80  VAL A C   1 
ATOM   550 O O   . VAL A 1 80 ? 16.774  -1.094  -4.240  1.00 52.48 ? 80  VAL A O   1 
ATOM   551 C CB  . VAL A 1 80 ? 14.477  -3.388  -4.589  1.00 43.23 ? 80  VAL A CB  1 
ATOM   552 C CG1 . VAL A 1 80 ? 15.249  -3.871  -3.369  1.00 47.00 ? 80  VAL A CG1 1 
ATOM   553 C CG2 . VAL A 1 80 ? 13.045  -3.837  -4.494  1.00 47.77 ? 80  VAL A CG2 1 
ATOM   554 N N   . THR A 1 81 ? 16.225  -1.494  -6.383  1.00 53.23 ? 81  THR A N   1 
ATOM   555 C CA  . THR A 1 81 ? 17.544  -1.137  -6.900  1.00 63.04 ? 81  THR A CA  1 
ATOM   556 C C   . THR A 1 81 ? 17.872  0.364   -6.892  1.00 63.11 ? 81  THR A C   1 
ATOM   557 O O   . THR A 1 81 ? 18.792  0.794   -7.588  1.00 57.11 ? 81  THR A O   1 
ATOM   558 C CB  . THR A 1 81 ? 17.735  -1.694  -8.337  1.00 65.15 ? 81  THR A CB  1 
ATOM   559 O OG1 . THR A 1 81 ? 16.490  -1.642  -9.052  1.00 59.55 ? 81  THR A OG1 1 
ATOM   560 C CG2 . THR A 1 81 ? 18.227  -3.136  -8.284  1.00 60.73 ? 81  THR A CG2 1 
ATOM   561 N N   . ASP A 1 82 ? 17.121  1.143   -6.103  1.00 65.11 ? 82  ASP A N   1 
ATOM   562 C CA  . ASP A 1 82 ? 17.317  2.598   -5.964  1.00 58.99 ? 82  ASP A CA  1 
ATOM   563 C C   . ASP A 1 82 ? 17.502  3.000   -4.500  1.00 57.98 ? 82  ASP A C   1 
ATOM   564 O O   . ASP A 1 82 ? 17.343  2.153   -3.594  1.00 52.98 ? 82  ASP A O   1 
ATOM   565 C CB  . ASP A 1 82 ? 16.115  3.390   -6.498  1.00 61.25 ? 82  ASP A CB  1 
ATOM   566 C CG  . ASP A 1 82 ? 16.087  3.490   -8.010  1.00 67.82 ? 82  ASP A CG  1 
ATOM   567 O OD1 . ASP A 1 82 ? 15.863  2.456   -8.681  1.00 67.47 ? 82  ASP A OD1 1 
ATOM   568 O OD2 . ASP A 1 82 ? 16.284  4.614   -8.526  1.00 69.54 ? 82  ASP A OD2 1 
HETATM 569 O O   . HOH B 2 .  ? -2.755  -2.494  -13.944 1.00 37.12 ? 97  HOH A O   1 
HETATM 570 O O   . HOH B 2 .  ? -12.527 1.997   -4.125  1.00 35.40 ? 98  HOH A O   1 
HETATM 571 O O   . HOH B 2 .  ? -15.784 -5.131  -8.092  1.00 37.70 ? 99  HOH A O   1 
HETATM 572 O O   . HOH B 2 .  ? -7.947  8.287   -9.058  1.00 22.34 ? 100 HOH A O   1 
HETATM 573 O O   . HOH B 2 .  ? -7.532  -7.418  3.977   1.00 38.83 ? 101 HOH A O   1 
HETATM 574 O O   . HOH B 2 .  ? -1.429  -12.772 -1.050  1.00 43.42 ? 102 HOH A O   1 
HETATM 575 O O   . HOH B 2 .  ? 6.074   -6.801  3.289   1.00 40.17 ? 103 HOH A O   1 
HETATM 576 O O   . HOH B 2 .  ? -4.969  -9.388  -9.626  1.00 32.55 ? 104 HOH A O   1 
HETATM 577 O O   . HOH B 2 .  ? 7.623   6.397   -8.482  1.00 44.28 ? 105 HOH A O   1 
HETATM 578 O O   . HOH B 2 .  ? -4.767  -5.546  -11.496 1.00 46.54 ? 106 HOH A O   1 
HETATM 579 O O   . HOH B 2 .  ? -9.606  -10.990 -4.174  1.00 41.30 ? 107 HOH A O   1 
HETATM 580 O O   . HOH B 2 .  ? -2.613  -7.710  10.363  1.00 44.59 ? 108 HOH A O   1 
HETATM 581 O O   . HOH B 2 .  ? -13.252 -4.073  -0.355  1.00 27.81 ? 109 HOH A O   1 
HETATM 582 O O   . HOH B 2 .  ? -3.284  -5.408  -14.247 1.00 47.37 ? 110 HOH A O   1 
HETATM 583 O O   . HOH B 2 .  ? -9.783  9.612   -10.749 1.00 39.77 ? 111 HOH A O   1 
# 
